data_7G6T
#
_entry.id   7G6T
#
_cell.length_a   84.020
_cell.length_b   91.656
_cell.length_c   119.628
_cell.angle_alpha   90.000
_cell.angle_beta   90.000
_cell.angle_gamma   90.000
#
_symmetry.space_group_name_H-M   'P 21 21 21'
#
loop_
_entity.id
_entity.type
_entity.pdbx_description
1 polymer 'Isoform 2 of Ectonucleotide pyrophosphatase/phosphodiesterase family member 2'
2 branched alpha-D-mannopyranose-(1-2)-alpha-D-mannopyranose-(1-3)-alpha-D-mannopyranose-(1-6)-[alpha-D-mannopyranose-(1-2)-alpha-D-mannopyranose-(1-3)]beta-D-mannopyranose-(1-4)-2-acetamido-2-deoxy-beta-D-glucopyranose-(1-4)-2-acetamido-2-deoxy-beta-D-glucopyranose
3 non-polymer 2,4-dichloro-N-phenyl-5-(piperidine-1-sulfonyl)benzamide
4 non-polymer 'CHLORIDE ION'
5 non-polymer 'ACETATE ION'
6 non-polymer 'ZINC ION'
7 non-polymer 'SODIUM ION'
8 non-polymer 'CALCIUM ION'
9 water water
#
_entity_poly.entity_id   1
_entity_poly.type   'polypeptide(L)'
_entity_poly.pdbx_seq_one_letter_code
;FTASRIKRAEWDEGPPTVLSDSPWTATSGSCKGRCFELQEVGPPDCRCDNLCKSYSSCCHDFDELCLKTARGWECTKDRC
GEVRNEENACHCSEDCLSRGDCCTNYQVVCKGESHWVDDDCEEIKVPECPAGFVRPPLIIFSVDGFRASYMKKGSKVMPN
IEKLRSCGTHAPYMRPVYPTKTFPNLYTLATGLYPESHGIVGNSMYDPVFDASFHLRGREKFNHRWWGGQPLWITATKQG
VRAGTFFWSVSIPHERRILTILQWLSLPDNERPSVYAFYSEQPDFSGHKYGPFGPEMTNPLREIDKTVGQLMDGLKQLRL
HRCVNVIFVGDHGMEDVTCDRTEFLSNYLTNVDDITLVPGTLGRIRAKSINNSKYDPKTIIAALTCKKPDQHFKPYMKQH
LPKRLHYANNRRIEDIHLLVDRRWHVARKPLDVYKKPSGKCFFQGDHGFDNKVNSMQTVFVGYGPTFKYRTKVPPFENIE
LYNVMCDLLGLKPAPNNGTHGSLNHLLRTNTFRPTMPDEVSRPNYPGIMYLQSEFDLGCTCDDKVEPKNKLEELNKRLHT
KGSTKERHLLYGRPAVLYRTSYDILYHTDFESGYSEIFLMPLWTSYTISKQAEVSSIPEHLTNCVRPDVRVSPGFSQNCL
AYKNDKQMSYGFLFPPYLSSSPEAKYDAFLVTNMVPMYPAFKRVWAYFQRVLVKKYASERNGVNVISGPIFDYNYDGLRD
TEDEIKQYVEGSSIPVPTHYYSIITSCLDFTQPADKCDGPLSVSSFILPHRPDNDESCNSSEDESKWVEELMKMHTARVR
DIEHLTGLDFYRKTSRSYSEILTLKTYLHTYESEIGGRHHHHHHHH
;
_entity_poly.pdbx_strand_id   A
#
loop_
_chem_comp.id
_chem_comp.type
_chem_comp.name
_chem_comp.formula
ACT non-polymer 'ACETATE ION' 'C2 H3 O2 -1'
BMA D-saccharide, beta linking beta-D-mannopyranose 'C6 H12 O6'
CA non-polymer 'CALCIUM ION' 'Ca 2'
CL non-polymer 'CHLORIDE ION' 'Cl -1'
MAN D-saccharide, alpha linking alpha-D-mannopyranose 'C6 H12 O6'
NA non-polymer 'SODIUM ION' 'Na 1'
NAG D-saccharide, beta linking 2-acetamido-2-deoxy-beta-D-glucopyranose 'C8 H15 N O6'
XIC non-polymer 2,4-dichloro-N-phenyl-5-(piperidine-1-sulfonyl)benzamide 'C18 H18 Cl2 N2 O3 S'
ZN non-polymer 'ZINC ION' 'Zn 2'
#
# COMPACT_ATOMS: atom_id res chain seq x y z
N TRP A 24 -18.83 -25.89 25.52
CA TRP A 24 -20.28 -26.23 25.68
C TRP A 24 -21.13 -24.98 25.83
N THR A 25 -22.19 -24.93 25.01
CA THR A 25 -23.23 -23.89 25.12
C THR A 25 -24.54 -24.54 25.56
N ALA A 26 -25.18 -23.95 26.57
CA ALA A 26 -26.52 -24.39 27.02
C ALA A 26 -27.57 -23.67 26.17
N THR A 27 -27.69 -24.12 24.91
CA THR A 27 -28.48 -23.43 23.86
C THR A 27 -30.01 -23.42 24.14
N SER A 28 -30.37 -23.59 25.42
CA SER A 28 -31.76 -23.63 25.87
C SER A 28 -32.25 -22.33 26.54
N GLY A 29 -31.48 -21.25 26.41
CA GLY A 29 -31.97 -19.89 26.70
C GLY A 29 -32.68 -19.35 25.47
N SER A 30 -33.21 -18.13 25.54
CA SER A 30 -33.98 -17.56 24.42
C SER A 30 -33.41 -16.26 23.82
N CYS A 31 -33.69 -16.06 22.53
CA CYS A 31 -33.32 -14.85 21.80
C CYS A 31 -34.44 -13.81 21.78
N LYS A 32 -35.58 -14.13 22.44
CA LYS A 32 -36.70 -13.21 22.65
C LYS A 32 -36.25 -11.76 22.91
N GLY A 33 -36.62 -10.86 21.99
CA GLY A 33 -36.20 -9.45 22.06
C GLY A 33 -34.70 -9.15 22.02
N ARG A 34 -33.87 -10.14 21.72
CA ARG A 34 -32.40 -10.01 21.76
C ARG A 34 -31.76 -10.17 20.40
N CYS A 35 -32.57 -10.18 19.34
CA CYS A 35 -32.07 -10.54 18.02
C CYS A 35 -30.95 -9.58 17.58
N PHE A 36 -29.78 -10.13 17.24
CA PHE A 36 -28.64 -9.32 16.80
C PHE A 36 -28.23 -8.28 17.83
N GLU A 37 -28.25 -8.71 19.09
CA GLU A 37 -27.72 -7.94 20.20
C GLU A 37 -26.27 -7.49 19.88
N LEU A 38 -25.98 -6.24 20.23
CA LEU A 38 -24.70 -5.63 19.91
C LEU A 38 -23.57 -6.05 20.83
N GLN A 39 -23.88 -6.27 22.11
CA GLN A 39 -22.90 -6.76 23.07
C GLN A 39 -22.95 -8.27 23.12
N GLU A 40 -21.79 -8.88 23.27
CA GLU A 40 -21.67 -10.32 23.21
C GLU A 40 -21.68 -10.94 24.62
N VAL A 41 -22.55 -11.92 24.83
CA VAL A 41 -22.67 -12.55 26.16
C VAL A 41 -21.71 -13.73 26.38
N GLY A 42 -21.37 -13.97 27.66
CA GLY A 42 -20.38 -14.97 28.07
C GLY A 42 -20.92 -16.38 28.26
N PRO A 43 -20.54 -17.33 27.35
CA PRO A 43 -20.97 -18.74 27.43
C PRO A 43 -20.60 -19.45 28.75
N PRO A 44 -21.31 -20.55 29.11
CA PRO A 44 -22.51 -21.17 28.50
C PRO A 44 -23.88 -20.46 28.73
N ASP A 45 -23.93 -19.15 28.46
CA ASP A 45 -25.18 -18.47 28.07
C ASP A 45 -25.17 -18.47 26.53
N CYS A 46 -26.31 -18.79 25.92
CA CYS A 46 -26.36 -18.82 24.47
C CYS A 46 -26.41 -17.42 23.86
N ARG A 47 -25.93 -17.31 22.63
CA ARG A 47 -25.73 -16.02 21.99
C ARG A 47 -26.75 -15.78 20.89
N CYS A 48 -27.12 -14.51 20.71
CA CYS A 48 -28.04 -14.09 19.66
C CYS A 48 -27.41 -13.06 18.71
N ASP A 49 -26.09 -12.86 18.82
CA ASP A 49 -25.35 -11.97 17.93
C ASP A 49 -25.08 -12.64 16.58
N ASN A 50 -24.79 -11.82 15.56
CA ASN A 50 -24.57 -12.32 14.20
C ASN A 50 -23.28 -13.09 14.00
N LEU A 51 -22.70 -13.57 15.09
CA LEU A 51 -21.52 -14.45 15.06
C LEU A 51 -21.83 -15.85 15.61
N CYS A 52 -22.92 -15.97 16.38
CA CYS A 52 -23.28 -17.22 17.09
C CYS A 52 -23.26 -18.48 16.19
N LYS A 53 -23.75 -18.36 14.95
CA LYS A 53 -23.78 -19.48 14.02
C LYS A 53 -22.40 -20.11 13.92
N SER A 54 -21.41 -19.28 13.66
CA SER A 54 -20.01 -19.71 13.49
C SER A 54 -19.36 -20.34 14.75
N TYR A 55 -20.03 -20.22 15.91
CA TYR A 55 -19.49 -20.77 17.17
C TYR A 55 -20.33 -21.93 17.71
N SER A 56 -21.29 -22.42 16.93
CA SER A 56 -22.25 -23.45 17.40
C SER A 56 -22.98 -23.03 18.68
N SER A 57 -23.27 -21.74 18.83
CA SER A 57 -23.71 -21.24 20.12
C SER A 57 -25.01 -20.42 20.11
N CYS A 58 -25.72 -20.44 19.00
CA CYS A 58 -27.01 -19.73 18.94
C CYS A 58 -28.01 -20.39 19.89
N CYS A 59 -28.90 -19.59 20.48
CA CYS A 59 -30.02 -20.14 21.27
C CYS A 59 -30.91 -20.95 20.35
N HIS A 60 -31.67 -21.89 20.93
CA HIS A 60 -32.56 -22.78 20.18
C HIS A 60 -33.47 -22.06 19.20
N ASP A 61 -33.89 -20.84 19.53
CA ASP A 61 -34.96 -20.12 18.79
C ASP A 61 -34.46 -18.98 17.88
N PHE A 62 -33.14 -18.93 17.70
CA PHE A 62 -32.50 -17.94 16.86
C PHE A 62 -33.09 -17.87 15.46
N ASP A 63 -33.12 -19.00 14.75
CA ASP A 63 -33.65 -19.04 13.38
C ASP A 63 -35.05 -18.47 13.35
N GLU A 64 -35.88 -18.95 14.28
CA GLU A 64 -37.32 -18.62 14.30
C GLU A 64 -37.58 -17.13 14.55
N LEU A 65 -36.97 -16.60 15.61
CA LEU A 65 -37.15 -15.20 15.98
C LEU A 65 -36.30 -14.20 15.17
N CYS A 66 -35.05 -14.54 14.90
CA CYS A 66 -34.09 -13.61 14.29
C CYS A 66 -33.92 -13.73 12.78
N LEU A 67 -34.21 -14.90 12.22
CA LEU A 67 -34.04 -15.11 10.78
C LEU A 67 -35.36 -15.33 10.06
N LYS A 68 -36.36 -14.55 10.44
CA LYS A 68 -37.68 -14.63 9.83
C LYS A 68 -37.60 -14.39 8.33
N THR A 69 -38.49 -15.04 7.57
CA THR A 69 -38.48 -14.96 6.10
C THR A 69 -39.89 -14.91 5.49
N ALA A 70 -40.89 -15.18 6.33
CA ALA A 70 -42.28 -15.18 5.88
C ALA A 70 -42.59 -13.97 5.01
N ARG A 71 -43.07 -14.29 3.80
CA ARG A 71 -43.60 -13.32 2.82
C ARG A 71 -42.55 -12.53 2.06
N GLY A 72 -41.26 -12.88 2.25
CA GLY A 72 -40.17 -12.25 1.50
C GLY A 72 -39.73 -10.86 1.96
N TRP A 73 -39.18 -10.07 1.02
CA TRP A 73 -38.42 -8.88 1.36
C TRP A 73 -39.02 -7.57 0.85
N GLU A 74 -40.17 -7.64 0.22
CA GLU A 74 -40.75 -6.46 -0.40
C GLU A 74 -42.24 -6.28 -0.09
N CYS A 75 -42.64 -5.03 0.18
CA CYS A 75 -44.07 -4.71 0.25
C CYS A 75 -44.69 -4.80 -1.14
N THR A 76 -45.91 -5.32 -1.17
CA THR A 76 -46.74 -5.33 -2.38
C THR A 76 -47.99 -4.54 -2.03
N LYS A 77 -48.75 -4.14 -3.06
CA LYS A 77 -49.93 -3.26 -2.94
C LYS A 77 -50.93 -3.72 -1.88
N ASP A 78 -51.22 -5.02 -1.86
CA ASP A 78 -52.21 -5.56 -0.92
C ASP A 78 -51.74 -5.62 0.54
N ARG A 79 -50.43 -5.67 0.77
CA ARG A 79 -49.87 -5.65 2.13
C ARG A 79 -49.94 -4.26 2.77
N CYS A 80 -50.26 -3.24 1.98
CA CYS A 80 -50.29 -1.86 2.50
C CYS A 80 -51.33 -1.67 3.59
N GLY A 81 -50.90 -1.10 4.71
CA GLY A 81 -51.73 -0.90 5.89
C GLY A 81 -52.16 -2.18 6.60
N GLU A 82 -51.52 -3.30 6.28
CA GLU A 82 -51.84 -4.61 6.88
C GLU A 82 -51.82 -4.59 8.42
N VAL A 83 -52.38 -5.65 9.00
CA VAL A 83 -52.31 -5.90 10.45
C VAL A 83 -50.98 -6.56 10.77
N ARG A 84 -50.21 -5.90 11.62
CA ARG A 84 -48.89 -6.36 12.02
C ARG A 84 -48.89 -7.85 12.38
N ASN A 85 -48.19 -8.61 11.56
CA ASN A 85 -47.98 -10.02 11.78
C ASN A 85 -46.50 -10.20 12.06
N GLU A 86 -46.16 -10.49 13.31
CA GLU A 86 -44.74 -10.56 13.75
C GLU A 86 -43.90 -11.66 13.08
N GLU A 87 -44.54 -12.58 12.37
CA GLU A 87 -43.81 -13.66 11.69
C GLU A 87 -43.15 -13.22 10.37
N ASN A 88 -43.66 -12.15 9.78
CA ASN A 88 -43.18 -11.65 8.50
C ASN A 88 -41.72 -11.18 8.61
N ALA A 89 -40.97 -11.35 7.52
CA ALA A 89 -39.56 -10.93 7.45
C ALA A 89 -39.43 -9.42 7.65
N CYS A 90 -40.30 -8.67 7.02
CA CYS A 90 -40.35 -7.21 7.24
C CYS A 90 -41.83 -6.80 7.15
N HIS A 91 -42.14 -5.53 7.40
CA HIS A 91 -43.54 -5.15 7.64
C HIS A 91 -44.00 -4.02 6.76
N CYS A 92 -45.31 -3.97 6.51
CA CYS A 92 -45.93 -2.98 5.65
C CYS A 92 -47.13 -2.33 6.34
N SER A 93 -47.26 -2.64 7.63
CA SER A 93 -48.25 -2.07 8.53
C SER A 93 -47.95 -0.60 8.81
N GLU A 94 -48.94 0.10 9.34
CA GLU A 94 -48.85 1.53 9.60
C GLU A 94 -47.77 1.90 10.62
N ASP A 95 -47.60 1.05 11.62
CA ASP A 95 -46.68 1.36 12.72
C ASP A 95 -45.23 1.01 12.40
N CYS A 96 -44.96 0.50 11.20
CA CYS A 96 -43.63 -0.03 10.90
C CYS A 96 -42.51 1.04 10.96
N LEU A 97 -42.79 2.26 10.52
CA LEU A 97 -41.77 3.33 10.54
C LEU A 97 -41.21 3.60 11.93
N SER A 98 -42.11 3.81 12.91
CA SER A 98 -41.74 4.03 14.32
C SER A 98 -41.18 2.78 15.02
N ARG A 99 -41.58 1.60 14.55
CA ARG A 99 -40.93 0.36 14.94
C ARG A 99 -39.59 0.18 14.21
N GLY A 100 -39.38 0.91 13.10
CA GLY A 100 -38.15 0.83 12.30
C GLY A 100 -37.88 -0.53 11.63
N ASP A 101 -38.95 -1.20 11.22
CA ASP A 101 -38.85 -2.54 10.64
C ASP A 101 -39.72 -2.75 9.39
N CYS A 102 -40.06 -1.66 8.71
CA CYS A 102 -40.66 -1.72 7.38
C CYS A 102 -39.74 -2.41 6.37
N CYS A 103 -40.32 -3.12 5.41
CA CYS A 103 -39.58 -3.48 4.19
C CYS A 103 -39.03 -2.19 3.58
N THR A 104 -37.92 -2.30 2.85
CA THR A 104 -37.21 -1.12 2.39
C THR A 104 -38.00 -0.37 1.32
N ASN A 105 -38.96 -1.05 0.70
CA ASN A 105 -39.76 -0.38 -0.35
C ASN A 105 -41.16 0.08 0.10
N TYR A 106 -41.40 0.03 1.42
CA TYR A 106 -42.69 0.41 2.01
C TYR A 106 -43.24 1.73 1.51
N GLN A 107 -42.46 2.80 1.65
CA GLN A 107 -42.92 4.12 1.25
C GLN A 107 -43.13 4.23 -0.24
N VAL A 108 -42.36 3.49 -1.02
CA VAL A 108 -42.54 3.55 -2.46
C VAL A 108 -43.87 2.87 -2.84
N VAL A 109 -44.09 1.66 -2.34
CA VAL A 109 -45.32 0.90 -2.65
C VAL A 109 -46.57 1.49 -2.01
N CYS A 110 -46.51 1.80 -0.72
CA CYS A 110 -47.68 2.17 0.06
C CYS A 110 -47.83 3.66 0.36
N LYS A 111 -46.85 4.50 0.02
CA LYS A 111 -46.99 5.94 0.26
C LYS A 111 -46.71 6.80 -0.98
N GLY A 112 -46.60 6.16 -2.14
CA GLY A 112 -46.31 6.87 -3.38
C GLY A 112 -44.97 7.60 -3.43
N GLU A 113 -44.04 7.21 -2.56
CA GLU A 113 -42.68 7.76 -2.62
C GLU A 113 -41.92 7.22 -3.84
N SER A 114 -40.89 7.94 -4.25
CA SER A 114 -39.96 7.47 -5.26
C SER A 114 -38.76 6.72 -4.63
N HIS A 115 -38.18 5.79 -5.40
CA HIS A 115 -36.92 5.13 -5.03
C HIS A 115 -35.83 6.18 -4.99
N TRP A 116 -34.87 5.99 -4.07
CA TRP A 116 -33.70 6.88 -3.98
C TRP A 116 -33.00 7.03 -5.33
N VAL A 117 -32.81 5.93 -6.06
CA VAL A 117 -32.13 6.00 -7.36
C VAL A 117 -32.85 6.84 -8.43
N ASP A 118 -34.14 7.09 -8.27
CA ASP A 118 -34.92 7.90 -9.24
C ASP A 118 -34.95 9.41 -8.96
N ASP A 119 -34.39 9.83 -7.85
CA ASP A 119 -34.29 11.21 -7.47
C ASP A 119 -33.00 11.76 -8.06
N ASP A 120 -33.07 12.99 -8.55
CA ASP A 120 -31.90 13.75 -8.96
C ASP A 120 -30.99 13.83 -7.76
N CYS A 121 -29.69 13.80 -7.94
CA CYS A 121 -28.93 14.07 -6.73
C CYS A 121 -28.78 15.55 -6.50
N GLU A 122 -28.65 15.91 -5.24
CA GLU A 122 -28.59 17.28 -4.84
C GLU A 122 -27.47 17.24 -3.85
N GLU A 123 -26.59 18.22 -3.97
CA GLU A 123 -25.50 18.42 -3.07
C GLU A 123 -25.93 18.33 -1.62
N ILE A 124 -25.17 17.59 -0.82
CA ILE A 124 -25.41 17.54 0.60
C ILE A 124 -24.37 18.47 1.23
N LYS A 125 -24.72 19.74 1.43
CA LYS A 125 -23.76 20.70 2.00
C LYS A 125 -23.56 20.52 3.49
N VAL A 126 -24.59 20.09 4.19
CA VAL A 126 -24.51 19.93 5.65
C VAL A 126 -25.22 18.64 6.02
N PRO A 127 -24.84 18.00 7.12
CA PRO A 127 -25.65 16.84 7.51
C PRO A 127 -27.08 17.26 7.84
N GLU A 128 -28.05 16.51 7.30
CA GLU A 128 -29.49 16.70 7.57
C GLU A 128 -29.99 15.45 8.29
N CYS A 129 -29.91 15.50 9.62
CA CYS A 129 -30.03 14.35 10.50
C CYS A 129 -31.20 14.59 11.45
N PRO A 130 -31.86 13.51 11.91
CA PRO A 130 -32.91 13.66 12.94
C PRO A 130 -32.35 14.15 14.27
N ALA A 131 -33.19 14.75 15.11
CA ALA A 131 -32.72 15.25 16.39
C ALA A 131 -32.21 14.05 17.18
N GLY A 132 -31.11 14.26 17.89
CA GLY A 132 -30.55 13.20 18.70
C GLY A 132 -29.33 12.58 18.06
N PHE A 133 -29.10 12.85 16.77
CA PHE A 133 -27.86 12.41 16.13
C PHE A 133 -26.73 13.41 16.41
N VAL A 134 -25.71 12.99 17.16
CA VAL A 134 -24.56 13.84 17.50
C VAL A 134 -23.46 13.90 16.42
N ARG A 135 -23.54 13.01 15.42
CA ARG A 135 -22.57 12.96 14.32
C ARG A 135 -23.19 12.12 13.20
N PRO A 136 -22.85 12.41 11.94
CA PRO A 136 -23.39 11.57 10.86
C PRO A 136 -22.90 10.12 11.01
N PRO A 137 -23.82 9.14 10.96
CA PRO A 137 -23.30 7.76 11.01
C PRO A 137 -22.40 7.44 9.79
N LEU A 138 -21.49 6.46 9.94
CA LEU A 138 -20.70 5.93 8.84
C LEU A 138 -21.13 4.49 8.52
N ILE A 139 -21.44 4.24 7.25
CA ILE A 139 -21.76 2.89 6.79
C ILE A 139 -20.74 2.44 5.74
N ILE A 140 -20.01 1.39 6.10
CA ILE A 140 -19.06 0.80 5.20
C ILE A 140 -19.72 -0.37 4.43
N PHE A 141 -19.81 -0.24 3.11
CA PHE A 141 -20.44 -1.30 2.31
C PHE A 141 -19.31 -1.98 1.54
N SER A 142 -18.84 -3.13 2.04
CA SER A 142 -17.66 -3.76 1.43
C SER A 142 -18.02 -4.94 0.54
N VAL A 143 -17.45 -4.92 -0.67
CA VAL A 143 -17.75 -5.93 -1.67
C VAL A 143 -16.49 -6.69 -2.04
N ASP A 144 -16.56 -8.01 -1.88
CA ASP A 144 -15.46 -8.92 -2.15
C ASP A 144 -15.29 -9.14 -3.66
N GLY A 145 -14.08 -8.97 -4.14
CA GLY A 145 -13.73 -9.24 -5.53
C GLY A 145 -14.23 -8.23 -6.54
N PHE A 146 -14.63 -7.05 -6.06
CA PHE A 146 -15.17 -6.03 -6.96
C PHE A 146 -14.03 -5.29 -7.65
N ARG A 147 -13.65 -5.84 -8.79
CA ARG A 147 -12.66 -5.28 -9.68
C ARG A 147 -13.01 -3.86 -10.12
N ALA A 148 -11.98 -3.01 -10.19
CA ALA A 148 -12.15 -1.60 -10.46
C ALA A 148 -12.87 -1.35 -11.77
N SER A 149 -12.56 -2.12 -12.82
CA SER A 149 -13.21 -1.85 -14.11
C SER A 149 -14.68 -2.24 -14.18
N TYR A 150 -15.20 -2.95 -13.17
CA TYR A 150 -16.67 -3.20 -13.15
C TYR A 150 -17.44 -1.91 -13.08
N MET A 151 -16.87 -0.86 -12.49
CA MET A 151 -17.56 0.44 -12.46
C MET A 151 -17.98 0.96 -13.83
N LYS A 152 -17.11 0.79 -14.82
CA LYS A 152 -17.42 1.25 -16.16
C LYS A 152 -18.15 0.13 -16.92
N LYS A 153 -17.60 -1.07 -16.88
CA LYS A 153 -18.09 -2.20 -17.66
C LYS A 153 -19.47 -2.74 -17.23
N GLY A 154 -19.85 -2.52 -15.99
CA GLY A 154 -21.09 -3.07 -15.46
C GLY A 154 -22.06 -1.95 -15.19
N SER A 155 -21.71 -0.74 -15.61
CA SER A 155 -22.47 0.46 -15.28
C SER A 155 -23.94 0.44 -15.68
N LYS A 156 -24.27 -0.27 -16.75
CA LYS A 156 -25.66 -0.35 -17.27
C LYS A 156 -26.55 -1.18 -16.35
N VAL A 157 -25.95 -2.05 -15.55
CA VAL A 157 -26.77 -2.89 -14.71
C VAL A 157 -26.64 -2.56 -13.21
N MET A 158 -26.00 -1.43 -12.91
CA MET A 158 -25.79 -1.06 -11.50
C MET A 158 -26.21 0.39 -11.25
N PRO A 159 -27.51 0.71 -11.45
CA PRO A 159 -27.87 2.13 -11.41
C PRO A 159 -27.67 2.80 -10.02
N ASN A 160 -27.91 2.08 -8.92
CA ASN A 160 -27.72 2.65 -7.56
C ASN A 160 -26.25 2.97 -7.26
N ILE A 161 -25.34 2.07 -7.66
CA ILE A 161 -23.91 2.22 -7.45
C ILE A 161 -23.40 3.37 -8.32
N GLU A 162 -23.91 3.45 -9.56
CA GLU A 162 -23.52 4.51 -10.48
C GLU A 162 -23.93 5.88 -10.00
N LYS A 163 -25.12 5.96 -9.38
CA LYS A 163 -25.56 7.20 -8.74
C LYS A 163 -24.65 7.54 -7.54
N LEU A 164 -24.34 6.58 -6.67
CA LEU A 164 -23.37 6.92 -5.59
C LEU A 164 -22.08 7.46 -6.16
N ARG A 165 -21.54 6.73 -7.15
CA ARG A 165 -20.28 7.07 -7.78
C ARG A 165 -20.29 8.46 -8.42
N SER A 166 -21.30 8.75 -9.20
CA SER A 166 -21.28 10.02 -9.96
C SER A 166 -21.67 11.22 -9.08
N CYS A 167 -22.46 10.97 -8.04
CA CYS A 167 -22.87 12.07 -7.18
C CYS A 167 -21.89 12.33 -6.03
N GLY A 168 -21.19 11.28 -5.57
CA GLY A 168 -20.28 11.41 -4.44
C GLY A 168 -18.85 11.71 -4.88
N THR A 169 -17.90 11.17 -4.12
CA THR A 169 -16.50 11.31 -4.41
C THR A 169 -16.04 9.92 -4.85
N HIS A 170 -15.32 9.80 -5.95
CA HIS A 170 -14.87 8.46 -6.34
C HIS A 170 -13.44 8.50 -6.89
N ALA A 171 -12.73 7.37 -6.79
CA ALA A 171 -11.43 7.22 -7.43
C ALA A 171 -11.64 6.33 -8.63
N PRO A 172 -10.80 6.47 -9.67
CA PRO A 172 -10.92 5.50 -10.78
C PRO A 172 -10.60 4.06 -10.32
N TYR A 173 -9.75 3.93 -9.29
CA TYR A 173 -9.54 2.66 -8.61
C TYR A 173 -8.80 2.84 -7.32
N MET A 174 -8.81 1.80 -6.52
CA MET A 174 -8.12 1.80 -5.22
C MET A 174 -7.18 0.60 -5.18
N ARG A 175 -5.93 0.85 -4.82
CA ARG A 175 -4.91 -0.18 -4.75
C ARG A 175 -5.01 -0.98 -3.43
N PRO A 176 -5.21 -2.31 -3.56
CA PRO A 176 -5.22 -3.18 -2.37
C PRO A 176 -3.82 -3.35 -1.81
N VAL A 177 -3.70 -4.06 -0.70
CA VAL A 177 -2.38 -4.47 -0.22
C VAL A 177 -2.01 -5.88 -0.70
N TYR A 178 -0.73 -6.21 -0.66
CA TYR A 178 -0.25 -7.56 -1.00
C TYR A 178 -0.18 -8.45 0.26
N PRO A 179 -0.63 -9.72 0.18
CA PRO A 179 -1.27 -10.37 -0.96
C PRO A 179 -2.69 -9.89 -1.13
N THR A 180 -3.13 -9.84 -2.37
CA THR A 180 -4.43 -9.30 -2.69
C THR A 180 -5.49 -10.40 -2.44
N LYS A 181 -5.51 -10.89 -1.20
CA LYS A 181 -6.50 -11.82 -0.67
C LYS A 181 -7.52 -11.08 0.22
N THR A 182 -8.58 -11.80 0.62
CA THR A 182 -9.73 -11.20 1.25
C THR A 182 -9.48 -10.73 2.70
N PHE A 183 -9.02 -11.61 3.58
CA PHE A 183 -8.80 -11.21 4.98
C PHE A 183 -7.63 -10.21 5.15
N PRO A 184 -6.48 -10.42 4.47
CA PRO A 184 -5.44 -9.38 4.58
C PRO A 184 -5.96 -7.98 4.26
N ASN A 185 -6.76 -7.86 3.20
CA ASN A 185 -7.27 -6.56 2.80
C ASN A 185 -8.41 -5.99 3.67
N LEU A 186 -9.32 -6.85 4.13
CA LEU A 186 -10.39 -6.36 4.99
C LEU A 186 -9.77 -5.87 6.28
N TYR A 187 -8.82 -6.61 6.81
CA TYR A 187 -8.21 -6.22 8.05
C TYR A 187 -7.28 -4.99 7.89
N THR A 188 -6.67 -4.83 6.72
CA THR A 188 -5.96 -3.56 6.40
C THR A 188 -6.97 -2.37 6.33
N LEU A 189 -8.15 -2.60 5.75
CA LEU A 189 -9.16 -1.52 5.70
C LEU A 189 -9.49 -1.07 7.12
N ALA A 190 -9.68 -2.06 7.98
CA ALA A 190 -10.08 -1.82 9.37
C ALA A 190 -8.98 -1.23 10.24
N THR A 191 -7.70 -1.43 9.90
CA THR A 191 -6.61 -1.03 10.82
C THR A 191 -5.64 0.05 10.28
N GLY A 192 -5.60 0.25 8.96
CA GLY A 192 -4.60 1.11 8.30
C GLY A 192 -3.20 0.48 8.28
N LEU A 193 -3.09 -0.81 8.54
CA LEU A 193 -1.76 -1.45 8.68
C LEU A 193 -1.47 -2.38 7.52
N TYR A 194 -0.22 -2.46 7.09
CA TYR A 194 0.28 -3.53 6.20
C TYR A 194 0.04 -4.93 6.83
N PRO A 195 -0.31 -5.93 6.00
CA PRO A 195 -0.50 -7.25 6.61
C PRO A 195 0.70 -7.67 7.49
N GLU A 196 1.93 -7.32 7.12
CA GLU A 196 3.10 -7.71 7.95
C GLU A 196 3.00 -7.17 9.36
N SER A 197 2.27 -6.06 9.54
CA SER A 197 2.11 -5.48 10.89
C SER A 197 0.83 -5.91 11.59
N HIS A 198 -0.27 -6.05 10.87
CA HIS A 198 -1.49 -6.53 11.52
C HIS A 198 -1.51 -8.06 11.76
N GLY A 199 -0.69 -8.81 11.01
CA GLY A 199 -0.54 -10.24 11.22
C GLY A 199 -1.37 -11.18 10.37
N ILE A 200 -2.37 -10.67 9.67
CA ILE A 200 -3.10 -11.55 8.78
C ILE A 200 -2.41 -11.48 7.42
N VAL A 201 -1.39 -12.32 7.25
CA VAL A 201 -0.46 -12.19 6.12
C VAL A 201 -0.90 -13.04 4.96
N GLY A 202 -1.99 -13.75 5.13
CA GLY A 202 -2.53 -14.55 4.05
C GLY A 202 -3.90 -15.11 4.41
N ASN A 203 -4.49 -15.84 3.47
CA ASN A 203 -5.71 -16.58 3.76
C ASN A 203 -5.41 -17.87 4.52
N SER A 204 -4.15 -18.30 4.49
CA SER A 204 -3.66 -19.47 5.22
C SER A 204 -2.30 -19.14 5.88
N MET A 205 -2.08 -19.52 7.15
CA MET A 205 -0.81 -19.21 7.85
C MET A 205 -0.37 -20.17 8.95
N TYR A 206 0.93 -20.19 9.20
CA TYR A 206 1.50 -20.95 10.30
C TYR A 206 2.28 -19.99 11.20
N ASP A 207 2.00 -19.96 12.50
CA ASP A 207 2.79 -19.14 13.41
C ASP A 207 3.70 -20.04 14.27
N PRO A 208 5.03 -20.00 14.03
CA PRO A 208 5.94 -20.88 14.76
C PRO A 208 6.07 -20.62 16.27
N VAL A 209 5.76 -19.40 16.73
CA VAL A 209 5.79 -19.10 18.17
C VAL A 209 4.58 -19.73 18.87
N PHE A 210 3.41 -19.63 18.23
CA PHE A 210 2.22 -20.27 18.73
C PHE A 210 2.33 -21.77 18.48
N ASP A 211 3.03 -22.14 17.40
CA ASP A 211 2.88 -23.46 16.80
C ASP A 211 1.38 -23.72 16.56
N ALA A 212 0.75 -22.82 15.82
CA ALA A 212 -0.64 -23.01 15.36
C ALA A 212 -0.81 -22.60 13.90
N SER A 213 -1.82 -23.18 13.23
CA SER A 213 -2.22 -22.79 11.86
C SER A 213 -3.53 -21.98 11.81
N PHE A 214 -3.73 -21.23 10.72
CA PHE A 214 -4.89 -20.32 10.55
C PHE A 214 -5.42 -20.58 9.16
N HIS A 215 -6.70 -20.95 9.08
CA HIS A 215 -7.37 -21.22 7.80
C HIS A 215 -8.73 -20.51 7.79
N LEU A 216 -9.27 -20.27 6.58
CA LEU A 216 -10.58 -19.60 6.43
C LEU A 216 -11.71 -20.46 7.03
N ARG A 217 -11.73 -21.74 6.66
CA ARG A 217 -12.59 -22.73 7.29
C ARG A 217 -12.16 -22.86 8.74
N GLY A 218 -13.13 -23.03 9.63
CA GLY A 218 -12.79 -23.40 10.99
C GLY A 218 -12.85 -22.25 11.95
N ARG A 219 -12.50 -22.57 13.20
CA ARG A 219 -12.75 -21.72 14.33
C ARG A 219 -11.47 -21.02 14.83
N GLU A 220 -10.30 -21.52 14.41
CA GLU A 220 -9.02 -20.94 14.86
C GLU A 220 -8.88 -19.46 14.44
N LYS A 221 -9.44 -19.12 13.29
CA LYS A 221 -9.48 -17.74 12.81
C LYS A 221 -10.20 -16.78 13.76
N PHE A 222 -10.86 -17.34 14.78
CA PHE A 222 -11.62 -16.52 15.73
C PHE A 222 -10.85 -16.21 17.00
N ASN A 223 -9.77 -16.96 17.23
CA ASN A 223 -8.86 -16.66 18.32
C ASN A 223 -8.21 -15.28 18.06
N HIS A 224 -8.16 -14.47 19.11
CA HIS A 224 -7.73 -13.07 19.02
C HIS A 224 -6.24 -12.87 18.78
N ARG A 225 -5.43 -13.88 19.04
CA ARG A 225 -3.97 -13.74 18.97
C ARG A 225 -3.42 -13.58 17.55
N TRP A 226 -4.22 -13.95 16.55
CA TRP A 226 -3.85 -13.73 15.16
C TRP A 226 -3.95 -12.25 14.74
N TRP A 227 -4.88 -11.51 15.37
CA TRP A 227 -5.28 -10.20 14.88
C TRP A 227 -4.57 -9.09 15.63
N GLY A 228 -3.63 -8.42 14.97
CA GLY A 228 -2.90 -7.32 15.61
C GLY A 228 -3.46 -5.95 15.30
N GLY A 229 -2.72 -4.92 15.69
CA GLY A 229 -3.13 -3.53 15.55
C GLY A 229 -4.43 -3.21 16.28
N GLN A 230 -5.05 -2.09 15.94
CA GLN A 230 -6.31 -1.75 16.52
C GLN A 230 -7.36 -1.40 15.47
N PRO A 231 -8.30 -2.32 15.25
CA PRO A 231 -9.29 -2.14 14.20
C PRO A 231 -10.28 -1.05 14.56
N LEU A 232 -10.91 -0.49 13.54
CA LEU A 232 -11.77 0.68 13.69
C LEU A 232 -12.83 0.51 14.79
N TRP A 233 -13.44 -0.68 14.88
CA TRP A 233 -14.47 -0.93 15.89
C TRP A 233 -13.95 -0.80 17.31
N ILE A 234 -12.69 -1.13 17.55
CA ILE A 234 -12.08 -1.00 18.89
C ILE A 234 -11.65 0.43 19.14
N THR A 235 -11.16 1.08 18.08
CA THR A 235 -10.81 2.50 18.15
C THR A 235 -12.08 3.28 18.54
N ALA A 236 -13.20 2.92 17.93
CA ALA A 236 -14.43 3.65 18.18
C ALA A 236 -14.90 3.41 19.63
N THR A 237 -14.99 2.13 20.01
CA THR A 237 -15.39 1.78 21.37
C THR A 237 -14.58 2.48 22.45
N LYS A 238 -13.25 2.37 22.38
CA LYS A 238 -12.37 3.02 23.35
C LYS A 238 -12.62 4.52 23.49
N GLN A 239 -13.13 5.16 22.45
CA GLN A 239 -13.36 6.60 22.49
C GLN A 239 -14.84 6.91 22.57
N GLY A 240 -15.63 5.94 22.99
CA GLY A 240 -17.01 6.18 23.35
C GLY A 240 -17.97 6.27 22.17
N VAL A 241 -17.55 5.75 21.01
CA VAL A 241 -18.41 5.63 19.84
C VAL A 241 -18.81 4.16 19.72
N ARG A 242 -20.10 3.89 19.59
CA ARG A 242 -20.61 2.50 19.47
C ARG A 242 -20.51 2.01 18.04
N ALA A 243 -20.21 0.73 17.90
CA ALA A 243 -20.04 0.13 16.58
C ALA A 243 -20.98 -1.06 16.35
N GLY A 244 -21.52 -1.17 15.14
CA GLY A 244 -22.19 -2.40 14.70
C GLY A 244 -21.14 -3.50 14.48
N THR A 245 -21.55 -4.71 14.15
CA THR A 245 -20.53 -5.76 13.97
C THR A 245 -19.87 -5.64 12.60
N PHE A 246 -18.62 -6.08 12.51
CA PHE A 246 -17.92 -6.08 11.23
C PHE A 246 -17.77 -7.53 10.68
N PHE A 247 -18.70 -8.38 11.05
CA PHE A 247 -18.66 -9.74 10.56
C PHE A 247 -20.05 -10.29 10.48
N TRP A 248 -20.38 -10.88 9.34
CA TRP A 248 -21.69 -11.48 9.12
C TRP A 248 -21.56 -12.99 8.86
N SER A 249 -22.33 -13.81 9.57
CA SER A 249 -22.36 -15.26 9.27
C SER A 249 -22.80 -15.46 7.83
N VAL A 250 -22.12 -16.36 7.13
CA VAL A 250 -22.28 -16.52 5.68
C VAL A 250 -23.72 -16.88 5.30
N SER A 251 -24.42 -17.58 6.18
CA SER A 251 -25.79 -18.01 5.89
C SER A 251 -26.84 -16.91 6.05
N ILE A 252 -26.58 -15.89 6.88
CA ILE A 252 -27.50 -14.71 6.98
C ILE A 252 -27.63 -13.97 5.64
N PRO A 253 -28.84 -13.95 5.05
CA PRO A 253 -28.91 -13.38 3.70
C PRO A 253 -28.73 -11.85 3.71
N HIS A 254 -28.34 -11.31 2.57
CA HIS A 254 -28.08 -9.88 2.42
C HIS A 254 -29.22 -8.97 2.83
N GLU A 255 -30.45 -9.34 2.49
CA GLU A 255 -31.61 -8.55 2.85
C GLU A 255 -31.72 -8.37 4.36
N ARG A 256 -31.34 -9.41 5.09
CA ARG A 256 -31.43 -9.43 6.54
C ARG A 256 -30.35 -8.58 7.19
N ARG A 257 -29.15 -8.61 6.60
CA ARG A 257 -28.06 -7.74 7.03
C ARG A 257 -28.49 -6.28 6.88
N ILE A 258 -29.04 -5.92 5.73
CA ILE A 258 -29.51 -4.54 5.53
C ILE A 258 -30.55 -4.18 6.61
N LEU A 259 -31.58 -5.02 6.76
CA LEU A 259 -32.69 -4.73 7.69
C LEU A 259 -32.18 -4.60 9.13
N THR A 260 -31.14 -5.36 9.47
CA THR A 260 -30.55 -5.31 10.78
C THR A 260 -29.82 -3.97 11.01
N ILE A 261 -29.03 -3.54 10.02
CA ILE A 261 -28.41 -2.23 10.07
C ILE A 261 -29.48 -1.15 10.19
N LEU A 262 -30.55 -1.26 9.40
CA LEU A 262 -31.60 -0.26 9.46
C LEU A 262 -32.30 -0.24 10.83
N GLN A 263 -32.45 -1.40 11.45
CA GLN A 263 -33.04 -1.48 12.78
C GLN A 263 -32.16 -0.80 13.84
N TRP A 264 -30.85 -1.06 13.76
CA TRP A 264 -29.88 -0.51 14.68
C TRP A 264 -29.92 0.98 14.59
N LEU A 265 -30.10 1.47 13.37
CA LEU A 265 -30.22 2.90 13.14
C LEU A 265 -31.41 3.54 13.81
N SER A 266 -32.43 2.74 14.14
CA SER A 266 -33.63 3.19 14.89
C SER A 266 -33.52 3.03 16.42
N LEU A 267 -32.43 2.50 16.95
CA LEU A 267 -32.27 2.45 18.40
C LEU A 267 -32.30 3.89 19.00
N PRO A 268 -32.53 3.99 20.32
CA PRO A 268 -32.38 5.23 21.07
C PRO A 268 -30.96 5.76 21.02
N ASP A 269 -30.85 7.09 21.04
CA ASP A 269 -29.59 7.82 20.99
C ASP A 269 -28.46 7.15 21.80
N ASN A 270 -28.73 6.80 23.05
CA ASN A 270 -27.72 6.16 23.90
C ASN A 270 -27.31 4.73 23.50
N GLU A 271 -28.10 4.05 22.67
CA GLU A 271 -27.79 2.65 22.29
C GLU A 271 -27.33 2.47 20.84
N ARG A 272 -27.63 3.44 20.00
CA ARG A 272 -27.42 3.37 18.56
C ARG A 272 -25.93 3.43 18.17
N PRO A 273 -25.45 2.46 17.36
CA PRO A 273 -24.07 2.60 16.89
C PRO A 273 -23.87 3.82 15.98
N SER A 274 -22.63 4.31 15.91
CA SER A 274 -22.30 5.34 14.93
C SER A 274 -21.60 4.79 13.67
N VAL A 275 -21.06 3.58 13.76
CA VAL A 275 -20.40 2.99 12.58
C VAL A 275 -20.95 1.59 12.35
N TYR A 276 -21.11 1.24 11.07
CA TYR A 276 -21.70 0.00 10.62
C TYR A 276 -20.90 -0.55 9.45
N ALA A 277 -20.90 -1.89 9.31
CA ALA A 277 -20.31 -2.55 8.14
C ALA A 277 -21.32 -3.52 7.54
N PHE A 278 -21.50 -3.45 6.23
CA PHE A 278 -22.11 -4.53 5.45
C PHE A 278 -21.01 -5.22 4.65
N TYR A 279 -21.08 -6.54 4.51
CA TYR A 279 -20.16 -7.30 3.68
C TYR A 279 -20.90 -8.20 2.69
N SER A 280 -20.47 -8.19 1.44
CA SER A 280 -20.94 -9.09 0.42
C SER A 280 -19.84 -10.06 -0.08
N GLU A 281 -20.15 -11.35 -0.09
CA GLU A 281 -19.32 -12.43 -0.66
C GLU A 281 -19.22 -12.35 -2.19
N GLN A 282 -20.16 -11.61 -2.80
CA GLN A 282 -20.22 -11.37 -4.24
C GLN A 282 -19.62 -9.99 -4.55
N PRO A 283 -19.05 -9.81 -5.74
CA PRO A 283 -19.05 -10.80 -6.82
C PRO A 283 -17.93 -11.84 -6.78
N ASP A 284 -17.07 -11.81 -5.76
CA ASP A 284 -15.94 -12.75 -5.66
C ASP A 284 -16.33 -14.23 -5.83
N PHE A 285 -17.36 -14.65 -5.10
CA PHE A 285 -17.78 -16.03 -5.12
C PHE A 285 -18.02 -16.52 -6.57
N SER A 286 -18.80 -15.75 -7.32
CA SER A 286 -19.04 -16.02 -8.71
C SER A 286 -17.83 -15.85 -9.64
N GLY A 287 -17.00 -14.82 -9.41
CA GLY A 287 -15.75 -14.60 -10.16
C GLY A 287 -14.78 -15.78 -10.11
N HIS A 288 -14.72 -16.48 -8.99
CA HIS A 288 -13.90 -17.69 -8.94
C HIS A 288 -14.41 -18.76 -9.93
N LYS A 289 -15.73 -18.92 -10.06
CA LYS A 289 -16.30 -19.96 -10.90
C LYS A 289 -16.24 -19.61 -12.37
N TYR A 290 -16.55 -18.35 -12.72
CA TYR A 290 -16.75 -17.98 -14.12
C TYR A 290 -15.79 -17.01 -14.72
N GLY A 291 -14.78 -16.59 -13.96
CA GLY A 291 -13.90 -15.52 -14.43
C GLY A 291 -14.43 -14.12 -14.22
N PRO A 292 -13.54 -13.13 -14.23
CA PRO A 292 -13.96 -11.77 -13.91
C PRO A 292 -15.04 -11.23 -14.84
N PHE A 293 -15.02 -11.58 -16.12
CA PHE A 293 -16.04 -11.08 -17.03
C PHE A 293 -16.90 -12.16 -17.66
N GLY A 294 -16.97 -13.32 -17.02
CA GLY A 294 -17.86 -14.39 -17.50
C GLY A 294 -19.29 -13.90 -17.62
N PRO A 295 -20.05 -14.38 -18.63
CA PRO A 295 -21.42 -13.87 -18.81
C PRO A 295 -22.27 -14.07 -17.56
N GLU A 296 -21.93 -15.06 -16.73
CA GLU A 296 -22.65 -15.31 -15.47
C GLU A 296 -22.43 -14.24 -14.41
N MET A 297 -21.55 -13.28 -14.70
CA MET A 297 -21.16 -12.24 -13.74
C MET A 297 -22.14 -11.08 -13.72
N THR A 298 -22.98 -10.94 -14.75
CA THR A 298 -23.94 -9.81 -14.83
C THR A 298 -24.95 -9.85 -13.68
N ASN A 299 -25.50 -11.02 -13.42
CA ASN A 299 -26.44 -11.22 -12.32
C ASN A 299 -25.93 -10.90 -10.90
N PRO A 300 -24.75 -11.40 -10.51
CA PRO A 300 -24.24 -10.96 -9.21
C PRO A 300 -24.06 -9.41 -9.10
N LEU A 301 -23.67 -8.73 -10.20
CA LEU A 301 -23.59 -7.26 -10.17
C LEU A 301 -24.97 -6.63 -10.04
N ARG A 302 -25.96 -7.17 -10.75
CA ARG A 302 -27.36 -6.72 -10.56
C ARG A 302 -27.81 -6.83 -9.10
N GLU A 303 -27.49 -7.94 -8.49
CA GLU A 303 -27.93 -8.23 -7.13
C GLU A 303 -27.26 -7.34 -6.06
N ILE A 304 -25.95 -7.12 -6.20
CA ILE A 304 -25.30 -6.15 -5.35
C ILE A 304 -25.97 -4.78 -5.51
N ASP A 305 -26.20 -4.35 -6.74
CA ASP A 305 -26.79 -3.05 -6.92
C ASP A 305 -28.15 -2.95 -6.24
N LYS A 306 -28.93 -4.01 -6.35
CA LYS A 306 -30.22 -4.07 -5.73
C LYS A 306 -30.12 -3.96 -4.20
N THR A 307 -29.13 -4.60 -3.60
CA THR A 307 -28.86 -4.45 -2.16
C THR A 307 -28.53 -3.00 -1.74
N VAL A 308 -27.69 -2.33 -2.52
CA VAL A 308 -27.41 -0.89 -2.34
C VAL A 308 -28.74 -0.10 -2.41
N GLY A 309 -29.55 -0.41 -3.42
CA GLY A 309 -30.89 0.22 -3.56
C GLY A 309 -31.72 0.06 -2.31
N GLN A 310 -31.75 -1.15 -1.76
CA GLN A 310 -32.47 -1.41 -0.53
C GLN A 310 -31.94 -0.58 0.67
N LEU A 311 -30.62 -0.51 0.81
CA LEU A 311 -30.03 0.31 1.85
C LEU A 311 -30.44 1.78 1.69
N MET A 312 -30.26 2.32 0.49
CA MET A 312 -30.52 3.74 0.24
C MET A 312 -32.02 4.09 0.36
N ASP A 313 -32.90 3.17 -0.04
CA ASP A 313 -34.34 3.38 0.14
C ASP A 313 -34.66 3.29 1.62
N GLY A 314 -34.00 2.37 2.30
CA GLY A 314 -34.15 2.25 3.75
C GLY A 314 -33.73 3.49 4.51
N LEU A 315 -32.61 4.10 4.07
CA LEU A 315 -32.10 5.32 4.70
C LEU A 315 -33.08 6.47 4.43
N LYS A 316 -33.55 6.59 3.19
CA LYS A 316 -34.47 7.66 2.83
C LYS A 316 -35.78 7.60 3.67
N GLN A 317 -36.32 6.40 3.87
CA GLN A 317 -37.47 6.16 4.77
C GLN A 317 -37.24 6.64 6.20
N LEU A 318 -36.02 6.45 6.69
CA LEU A 318 -35.69 6.94 8.02
C LEU A 318 -35.21 8.40 8.01
N ARG A 319 -35.33 9.10 6.87
CA ARG A 319 -34.78 10.44 6.71
C ARG A 319 -33.29 10.50 7.08
N LEU A 320 -32.52 9.50 6.63
CA LEU A 320 -31.09 9.47 6.93
C LEU A 320 -30.24 9.49 5.66
N HIS A 321 -30.91 9.65 4.52
CA HIS A 321 -30.20 9.56 3.24
C HIS A 321 -29.36 10.78 2.91
N ARG A 322 -29.56 11.87 3.66
CA ARG A 322 -28.72 13.06 3.53
C ARG A 322 -28.01 13.30 4.86
N CYS A 323 -27.86 12.24 5.63
CA CYS A 323 -27.24 12.35 6.95
C CYS A 323 -26.03 11.39 7.06
N VAL A 324 -26.17 10.18 6.52
CA VAL A 324 -25.16 9.14 6.65
C VAL A 324 -24.00 9.25 5.64
N ASN A 325 -22.77 9.01 6.08
CA ASN A 325 -21.68 8.85 5.09
C ASN A 325 -21.60 7.37 4.69
N VAL A 326 -21.61 7.11 3.41
CA VAL A 326 -21.56 5.74 2.90
C VAL A 326 -20.24 5.56 2.15
N ILE A 327 -19.51 4.52 2.52
CA ILE A 327 -18.30 4.13 1.79
C ILE A 327 -18.60 2.81 1.09
N PHE A 328 -18.42 2.81 -0.23
CA PHE A 328 -18.57 1.63 -1.08
C PHE A 328 -17.15 1.29 -1.50
N VAL A 329 -16.65 0.15 -1.02
CA VAL A 329 -15.22 -0.17 -1.10
C VAL A 329 -15.06 -1.67 -1.37
N GLY A 330 -14.14 -2.01 -2.29
CA GLY A 330 -13.80 -3.40 -2.54
C GLY A 330 -12.55 -3.85 -1.80
N ASP A 331 -12.34 -5.14 -1.68
CA ASP A 331 -11.11 -5.59 -1.03
C ASP A 331 -9.98 -5.91 -2.06
N HIS A 332 -10.36 -6.34 -3.25
CA HIS A 332 -9.39 -6.75 -4.31
C HIS A 332 -10.21 -7.00 -5.55
N GLY A 333 -9.56 -7.15 -6.70
CA GLY A 333 -10.25 -7.47 -7.93
C GLY A 333 -10.22 -8.99 -8.16
N MET A 334 -10.18 -9.38 -9.44
CA MET A 334 -10.25 -10.77 -9.85
C MET A 334 -9.64 -10.83 -11.25
N GLU A 335 -8.84 -11.88 -11.45
CA GLU A 335 -8.14 -12.14 -12.72
C GLU A 335 -8.57 -13.52 -13.30
N ASP A 336 -8.41 -13.71 -14.62
CA ASP A 336 -8.63 -15.03 -15.28
C ASP A 336 -7.52 -16.00 -14.93
N VAL A 337 -7.90 -17.10 -14.32
CA VAL A 337 -6.94 -18.12 -13.91
C VAL A 337 -7.59 -19.47 -14.11
N THR A 338 -6.93 -20.35 -14.85
CA THR A 338 -7.38 -21.74 -15.01
C THR A 338 -6.32 -22.81 -14.61
N CYS A 339 -6.77 -24.04 -14.36
CA CYS A 339 -5.93 -25.19 -13.93
C CYS A 339 -4.73 -25.48 -14.82
N ASP A 340 -4.90 -25.34 -16.12
CA ASP A 340 -3.79 -25.57 -17.03
C ASP A 340 -2.70 -24.51 -16.93
N ARG A 341 -3.02 -23.32 -16.41
CA ARG A 341 -1.96 -22.35 -16.09
C ARG A 341 -1.49 -22.55 -14.64
N THR A 342 -0.85 -23.71 -14.42
CA THR A 342 -0.27 -24.07 -13.15
C THR A 342 1.15 -24.55 -13.42
N GLU A 343 2.09 -23.98 -12.66
CA GLU A 343 3.47 -24.35 -12.66
C GLU A 343 3.63 -25.29 -11.46
N PHE A 344 4.40 -26.36 -11.64
CA PHE A 344 4.56 -27.40 -10.61
C PHE A 344 5.96 -27.49 -10.07
N LEU A 345 6.11 -27.31 -8.76
CA LEU A 345 7.44 -27.34 -8.19
C LEU A 345 8.12 -28.71 -8.42
N SER A 346 7.31 -29.73 -8.70
CA SER A 346 7.86 -31.06 -8.93
C SER A 346 8.60 -31.09 -10.27
N ASN A 347 8.37 -30.09 -11.12
CA ASN A 347 9.15 -29.93 -12.36
C ASN A 347 10.49 -29.21 -12.21
N TYR A 348 10.85 -28.87 -10.96
CA TYR A 348 12.05 -28.08 -10.66
C TYR A 348 12.85 -28.74 -9.58
N LEU A 349 12.18 -29.28 -8.58
CA LEU A 349 12.88 -29.82 -7.41
C LEU A 349 12.81 -31.34 -7.41
N THR A 350 13.86 -31.98 -6.91
CA THR A 350 13.83 -33.42 -6.69
C THR A 350 13.36 -33.73 -5.28
N ASN A 351 13.74 -32.86 -4.34
CA ASN A 351 13.38 -32.96 -2.92
C ASN A 351 11.94 -32.51 -2.54
N VAL A 352 11.04 -32.47 -3.52
CA VAL A 352 9.70 -31.88 -3.35
C VAL A 352 8.89 -32.31 -2.09
N ASP A 353 9.26 -33.45 -1.48
CA ASP A 353 8.54 -33.97 -0.32
C ASP A 353 9.07 -33.50 1.01
N ASP A 354 10.21 -32.82 0.97
CA ASP A 354 10.79 -32.22 2.17
C ASP A 354 10.31 -30.77 2.37
N ILE A 355 9.39 -30.31 1.50
CA ILE A 355 8.85 -28.95 1.60
C ILE A 355 7.34 -28.89 1.76
N THR A 356 6.90 -27.85 2.46
CA THR A 356 5.50 -27.43 2.52
C THR A 356 5.36 -26.21 1.63
N LEU A 357 4.44 -26.24 0.68
CA LEU A 357 4.13 -25.05 -0.08
C LEU A 357 2.73 -24.51 0.26
N VAL A 358 2.66 -23.24 0.66
CA VAL A 358 1.39 -22.51 0.60
C VAL A 358 1.18 -22.10 -0.86
N PRO A 359 0.13 -22.66 -1.52
CA PRO A 359 0.09 -22.58 -2.96
C PRO A 359 -0.86 -21.50 -3.51
N GLY A 360 -0.92 -21.41 -4.84
CA GLY A 360 -1.95 -20.66 -5.53
C GLY A 360 -1.35 -19.51 -6.28
N THR A 361 -1.92 -18.32 -6.04
CA THR A 361 -1.52 -17.10 -6.75
C THR A 361 -0.29 -16.45 -6.10
N LEU A 362 0.16 -17.00 -4.97
CA LEU A 362 1.49 -16.67 -4.45
C LEU A 362 2.04 -17.96 -3.88
N GLY A 363 3.35 -18.01 -3.72
CA GLY A 363 3.98 -19.18 -3.12
C GLY A 363 4.71 -18.82 -1.86
N ARG A 364 4.54 -19.66 -0.85
CA ARG A 364 5.32 -19.57 0.36
C ARG A 364 5.88 -20.96 0.70
N ILE A 365 7.19 -21.03 0.93
CA ILE A 365 7.85 -22.31 1.15
C ILE A 365 8.58 -22.39 2.49
N ARG A 366 8.28 -23.44 3.27
CA ARG A 366 9.13 -23.81 4.40
C ARG A 366 9.48 -25.32 4.37
N ALA A 367 10.41 -25.73 5.24
CA ALA A 367 10.77 -27.14 5.41
C ALA A 367 9.57 -27.89 5.96
N LYS A 368 9.29 -29.07 5.41
CA LYS A 368 8.24 -29.96 5.94
C LYS A 368 8.49 -30.33 7.41
N SER A 369 9.75 -30.44 7.79
CA SER A 369 10.16 -30.81 9.16
C SER A 369 11.41 -30.04 9.64
N ILE A 370 11.32 -29.41 10.82
CA ILE A 370 12.46 -28.66 11.41
C ILE A 370 13.58 -29.55 11.98
N ASN A 371 13.32 -30.86 12.06
CA ASN A 371 14.35 -31.87 12.36
C ASN A 371 15.31 -32.10 11.22
N ASN A 372 14.85 -31.80 10.00
CA ASN A 372 15.70 -31.85 8.82
C ASN A 372 16.61 -30.63 8.67
N SER A 373 17.86 -30.80 9.09
CA SER A 373 18.90 -29.78 9.00
C SER A 373 19.67 -29.85 7.68
N LYS A 374 19.28 -30.79 6.82
CA LYS A 374 19.84 -30.90 5.48
C LYS A 374 18.95 -30.16 4.47
N TYR A 375 17.80 -29.68 4.94
CA TYR A 375 17.00 -28.71 4.19
C TYR A 375 17.80 -27.42 4.13
N ASP A 376 17.89 -26.84 2.91
CA ASP A 376 18.66 -25.61 2.66
C ASP A 376 17.92 -24.65 1.71
N PRO A 377 17.48 -23.49 2.23
CA PRO A 377 16.79 -22.50 1.40
C PRO A 377 17.58 -22.03 0.17
N LYS A 378 18.91 -21.88 0.28
CA LYS A 378 19.73 -21.35 -0.82
C LYS A 378 19.62 -22.23 -2.06
N THR A 379 19.76 -23.53 -1.87
CA THR A 379 19.67 -24.46 -3.00
C THR A 379 18.23 -24.63 -3.51
N ILE A 380 17.24 -24.40 -2.66
CA ILE A 380 15.87 -24.38 -3.17
C ILE A 380 15.71 -23.20 -4.12
N ILE A 381 16.10 -22.00 -3.67
CA ILE A 381 16.01 -20.81 -4.54
C ILE A 381 16.73 -21.03 -5.85
N ALA A 382 17.96 -21.55 -5.78
CA ALA A 382 18.75 -21.75 -6.99
C ALA A 382 18.04 -22.71 -7.95
N ALA A 383 17.47 -23.79 -7.42
CA ALA A 383 16.74 -24.72 -8.28
C ALA A 383 15.45 -24.10 -8.89
N LEU A 384 15.00 -22.95 -8.37
CA LEU A 384 13.77 -22.33 -8.86
C LEU A 384 14.01 -21.10 -9.71
N THR A 385 15.28 -20.76 -9.94
CA THR A 385 15.65 -19.49 -10.58
C THR A 385 15.98 -19.63 -12.05
N CYS A 386 15.22 -18.91 -12.87
CA CYS A 386 15.39 -18.86 -14.34
C CYS A 386 15.62 -20.23 -15.00
N LYS A 387 14.88 -21.23 -14.54
CA LYS A 387 15.07 -22.59 -15.03
C LYS A 387 14.38 -22.93 -16.35
N LYS A 388 13.25 -22.28 -16.63
CA LYS A 388 12.49 -22.49 -17.87
C LYS A 388 12.30 -21.17 -18.62
N PRO A 389 12.36 -21.20 -19.97
CA PRO A 389 12.30 -19.98 -20.78
C PRO A 389 11.13 -19.04 -20.49
N ASP A 390 9.96 -19.58 -20.18
CA ASP A 390 8.82 -18.70 -19.91
C ASP A 390 8.31 -18.78 -18.48
N GLN A 391 9.19 -19.17 -17.55
CA GLN A 391 8.87 -19.41 -16.15
C GLN A 391 7.85 -18.39 -15.62
N HIS A 392 6.71 -18.85 -15.10
CA HIS A 392 5.63 -17.94 -14.68
C HIS A 392 5.58 -17.63 -13.17
N PHE A 393 6.69 -17.82 -12.49
CA PHE A 393 6.84 -17.33 -11.13
C PHE A 393 8.33 -16.98 -10.95
N LYS A 394 8.63 -16.24 -9.89
CA LYS A 394 10.02 -15.86 -9.58
C LYS A 394 10.21 -16.00 -8.09
N PRO A 395 11.22 -16.77 -7.69
CA PRO A 395 11.53 -16.98 -6.29
C PRO A 395 12.29 -15.81 -5.66
N TYR A 396 12.05 -15.59 -4.36
CA TYR A 396 12.70 -14.53 -3.61
C TYR A 396 12.96 -14.95 -2.16
N MET A 397 14.13 -14.60 -1.60
CA MET A 397 14.18 -14.46 -0.15
C MET A 397 13.21 -13.30 0.17
N LYS A 398 12.43 -13.40 1.24
CA LYS A 398 11.38 -12.40 1.48
C LYS A 398 11.97 -10.98 1.58
N GLN A 399 13.18 -10.87 2.13
CA GLN A 399 13.80 -9.57 2.26
C GLN A 399 14.23 -8.95 0.91
N HIS A 400 14.24 -9.75 -0.15
CA HIS A 400 14.57 -9.22 -1.48
C HIS A 400 13.35 -8.84 -2.30
N LEU A 401 12.16 -9.18 -1.80
CA LEU A 401 10.93 -8.69 -2.47
C LEU A 401 10.90 -7.15 -2.60
N PRO A 402 10.31 -6.61 -3.69
CA PRO A 402 10.11 -5.17 -3.82
C PRO A 402 9.63 -4.56 -2.50
N LYS A 403 10.35 -3.55 -2.05
CA LYS A 403 10.03 -2.88 -0.79
C LYS A 403 8.59 -2.34 -0.79
N ARG A 404 8.03 -2.06 -1.97
CA ARG A 404 6.69 -1.49 -2.05
C ARG A 404 5.64 -2.47 -1.53
N LEU A 405 6.00 -3.75 -1.46
CA LEU A 405 5.03 -4.79 -1.01
C LEU A 405 4.94 -4.86 0.50
N HIS A 406 5.94 -4.29 1.18
CA HIS A 406 5.95 -4.33 2.64
C HIS A 406 5.62 -5.74 3.17
N TYR A 407 6.25 -6.75 2.56
CA TYR A 407 5.89 -8.12 2.88
C TYR A 407 7.06 -8.98 3.36
N ALA A 408 7.46 -8.77 4.61
CA ALA A 408 8.64 -9.48 5.10
C ALA A 408 8.72 -9.55 6.61
N ASN A 409 8.34 -8.47 7.30
CA ASN A 409 8.59 -8.35 8.72
C ASN A 409 7.51 -9.04 9.57
N ASN A 410 7.37 -10.36 9.40
CA ASN A 410 6.46 -11.13 10.25
C ASN A 410 6.87 -12.57 10.22
N ARG A 411 7.01 -13.18 11.41
CA ARG A 411 7.41 -14.59 11.54
C ARG A 411 6.45 -15.55 10.81
N ARG A 412 5.26 -15.07 10.43
CA ARG A 412 4.31 -15.90 9.70
C ARG A 412 4.56 -15.88 8.21
N ILE A 413 5.48 -15.02 7.74
CA ILE A 413 5.80 -14.98 6.33
C ILE A 413 7.07 -15.80 6.15
N GLU A 414 7.00 -16.82 5.30
CA GLU A 414 8.11 -17.74 5.12
C GLU A 414 9.27 -17.08 4.39
N ASP A 415 10.48 -17.56 4.68
CA ASP A 415 11.69 -16.98 4.15
C ASP A 415 11.69 -17.04 2.63
N ILE A 416 11.17 -18.12 2.05
CA ILE A 416 11.11 -18.26 0.59
C ILE A 416 9.72 -17.91 0.12
N HIS A 417 9.66 -17.00 -0.86
CA HIS A 417 8.45 -16.50 -1.45
C HIS A 417 8.50 -16.62 -2.96
N LEU A 418 7.37 -16.91 -3.59
CA LEU A 418 7.29 -16.90 -5.03
C LEU A 418 6.24 -15.91 -5.44
N LEU A 419 6.67 -14.93 -6.24
CA LEU A 419 5.78 -13.98 -6.88
C LEU A 419 5.36 -14.62 -8.15
N VAL A 420 4.05 -14.87 -8.26
CA VAL A 420 3.50 -15.59 -9.39
C VAL A 420 2.98 -14.59 -10.38
N ASP A 421 3.24 -14.84 -11.67
CA ASP A 421 2.71 -14.02 -12.75
C ASP A 421 1.19 -14.01 -12.74
N ARG A 422 0.63 -12.87 -13.16
CA ARG A 422 -0.80 -12.75 -13.27
C ARG A 422 -1.28 -13.84 -14.24
N ARG A 423 -2.40 -14.45 -13.90
CA ARG A 423 -3.11 -15.44 -14.72
C ARG A 423 -2.65 -16.87 -14.41
N TRP A 424 -1.67 -17.00 -13.51
CA TRP A 424 -1.04 -18.28 -13.20
C TRP A 424 -1.21 -18.73 -11.76
N HIS A 425 -0.94 -20.01 -11.53
CA HIS A 425 -0.92 -20.61 -10.21
C HIS A 425 0.42 -21.33 -10.05
N VAL A 426 0.85 -21.50 -8.81
CA VAL A 426 1.92 -22.43 -8.52
C VAL A 426 1.37 -23.50 -7.56
N ALA A 427 1.79 -24.74 -7.78
CA ALA A 427 1.43 -25.82 -6.88
C ALA A 427 2.66 -26.73 -6.71
N ARG A 428 2.64 -27.57 -5.68
CA ARG A 428 3.74 -28.48 -5.41
C ARG A 428 3.85 -29.63 -6.44
N LYS A 429 2.75 -30.37 -6.63
CA LYS A 429 2.69 -31.58 -7.48
C LYS A 429 1.40 -31.56 -8.26
N PRO A 430 1.38 -32.14 -9.47
CA PRO A 430 0.12 -32.22 -10.19
C PRO A 430 -1.03 -32.88 -9.40
N LEU A 431 -0.73 -33.84 -8.51
CA LEU A 431 -1.77 -34.50 -7.71
C LEU A 431 -2.59 -33.47 -6.91
N ASP A 432 -1.91 -32.43 -6.43
CA ASP A 432 -2.53 -31.32 -5.69
C ASP A 432 -3.65 -30.57 -6.41
N VAL A 433 -3.56 -30.45 -7.75
CA VAL A 433 -4.54 -29.70 -8.54
C VAL A 433 -5.81 -30.53 -8.86
N TYR A 434 -5.65 -31.75 -9.36
CA TYR A 434 -6.80 -32.64 -9.71
C TYR A 434 -7.37 -33.50 -8.55
N LYS A 435 -6.58 -33.71 -7.49
CA LYS A 435 -7.04 -34.28 -6.21
C LYS A 435 -7.04 -33.19 -5.11
N LYS A 436 -7.90 -32.18 -5.26
CA LYS A 436 -7.93 -31.01 -4.34
C LYS A 436 -9.09 -31.06 -3.36
N CYS A 441 -11.63 -29.04 -14.55
CA CYS A 441 -11.10 -27.89 -13.82
C CYS A 441 -12.18 -27.05 -13.15
N PHE A 442 -12.06 -26.86 -11.83
CA PHE A 442 -13.07 -26.16 -11.05
C PHE A 442 -13.25 -24.66 -11.45
N PHE A 443 -12.15 -23.90 -11.37
CA PHE A 443 -12.19 -22.44 -11.28
C PHE A 443 -11.74 -21.71 -12.55
N GLN A 444 -12.29 -20.53 -12.78
CA GLN A 444 -11.84 -19.69 -13.88
C GLN A 444 -11.32 -18.33 -13.46
N GLY A 445 -11.39 -18.01 -12.16
CA GLY A 445 -10.91 -16.74 -11.67
C GLY A 445 -10.18 -16.89 -10.37
N ASP A 446 -9.15 -16.08 -10.14
CA ASP A 446 -8.51 -16.00 -8.83
C ASP A 446 -7.87 -14.62 -8.58
N HIS A 447 -7.36 -14.40 -7.38
CA HIS A 447 -6.76 -13.14 -7.03
C HIS A 447 -5.74 -13.50 -6.01
N GLY A 448 -4.92 -12.53 -5.61
CA GLY A 448 -3.80 -12.77 -4.68
C GLY A 448 -2.48 -12.22 -5.18
N PHE A 449 -2.41 -11.88 -6.47
CA PHE A 449 -1.19 -11.40 -7.14
C PHE A 449 -0.66 -10.04 -6.61
N ASP A 450 0.58 -9.74 -6.98
CA ASP A 450 1.20 -8.40 -6.81
C ASP A 450 0.11 -7.28 -6.86
N ASN A 451 0.13 -6.36 -5.89
CA ASN A 451 -0.95 -5.36 -5.82
C ASN A 451 -0.84 -4.21 -6.80
N LYS A 452 0.18 -4.21 -7.67
CA LYS A 452 0.20 -3.24 -8.76
C LYS A 452 -0.53 -3.72 -10.03
N VAL A 453 -0.95 -4.99 -10.06
CA VAL A 453 -1.58 -5.59 -11.24
C VAL A 453 -2.95 -4.99 -11.45
N ASN A 454 -3.25 -4.50 -12.66
CA ASN A 454 -4.55 -3.86 -12.97
C ASN A 454 -5.76 -4.68 -12.58
N SER A 455 -5.71 -5.99 -12.87
CA SER A 455 -6.86 -6.85 -12.60
C SER A 455 -7.12 -6.97 -11.08
N MET A 456 -6.12 -6.63 -10.26
CA MET A 456 -6.31 -6.71 -8.80
C MET A 456 -6.87 -5.43 -8.17
N GLN A 457 -6.87 -4.33 -8.91
CA GLN A 457 -7.40 -3.04 -8.41
C GLN A 457 -8.87 -3.17 -8.06
N THR A 458 -9.27 -2.40 -7.05
CA THR A 458 -10.64 -2.47 -6.62
C THR A 458 -11.24 -1.04 -6.62
N VAL A 459 -12.35 -0.84 -5.92
CA VAL A 459 -13.10 0.41 -6.04
C VAL A 459 -13.16 1.19 -4.75
N PHE A 460 -13.39 2.49 -4.89
CA PHE A 460 -13.79 3.33 -3.76
C PHE A 460 -14.78 4.41 -4.20
N VAL A 461 -15.89 4.52 -3.48
CA VAL A 461 -16.82 5.63 -3.64
C VAL A 461 -17.17 6.10 -2.24
N GLY A 462 -17.14 7.41 -2.02
CA GLY A 462 -17.61 8.02 -0.75
C GLY A 462 -18.79 8.94 -1.07
N TYR A 463 -19.89 8.77 -0.34
CA TYR A 463 -21.10 9.53 -0.56
C TYR A 463 -21.63 10.00 0.79
N GLY A 464 -21.91 11.30 0.92
CA GLY A 464 -22.42 11.80 2.18
C GLY A 464 -22.09 13.25 2.42
N PRO A 465 -22.59 13.82 3.56
CA PRO A 465 -22.36 15.23 3.90
C PRO A 465 -20.88 15.54 4.04
N THR A 466 -20.08 14.56 4.45
CA THR A 466 -18.67 14.85 4.77
C THR A 466 -17.76 14.64 3.55
N PHE A 467 -18.25 13.93 2.54
CA PHE A 467 -17.51 13.76 1.26
C PHE A 467 -17.79 14.92 0.28
N LYS A 468 -16.94 15.10 -0.71
CA LYS A 468 -17.21 16.13 -1.73
C LYS A 468 -18.32 15.69 -2.69
N TYR A 469 -18.88 16.68 -3.38
CA TYR A 469 -19.95 16.47 -4.34
C TYR A 469 -19.36 16.31 -5.76
N ARG A 470 -19.80 15.31 -6.52
CA ARG A 470 -19.36 15.07 -7.91
C ARG A 470 -17.86 15.23 -8.10
N THR A 471 -17.04 14.59 -7.29
CA THR A 471 -15.60 14.83 -7.36
C THR A 471 -14.85 13.56 -7.67
N LYS A 472 -13.91 13.63 -8.60
CA LYS A 472 -13.04 12.50 -8.87
C LYS A 472 -11.74 12.78 -8.17
N VAL A 473 -11.19 11.81 -7.46
CA VAL A 473 -9.87 11.97 -6.89
C VAL A 473 -8.97 10.93 -7.53
N PRO A 474 -7.65 11.15 -7.48
CA PRO A 474 -6.70 10.18 -8.02
C PRO A 474 -6.69 8.84 -7.23
N PRO A 475 -6.21 7.76 -7.87
CA PRO A 475 -6.11 6.46 -7.22
C PRO A 475 -5.26 6.56 -5.95
N PHE A 476 -5.61 5.81 -4.92
CA PHE A 476 -4.87 5.82 -3.68
C PHE A 476 -4.91 4.40 -3.11
N GLU A 477 -4.15 4.17 -2.04
CA GLU A 477 -4.06 2.85 -1.42
C GLU A 477 -5.00 2.70 -0.25
N ASN A 478 -5.55 1.50 -0.12
CA ASN A 478 -6.49 1.24 0.93
C ASN A 478 -5.95 1.38 2.38
N ILE A 479 -4.61 1.27 2.59
CA ILE A 479 -4.00 1.61 3.92
C ILE A 479 -4.37 3.02 4.44
N GLU A 480 -4.73 3.95 3.54
CA GLU A 480 -5.10 5.33 3.92
C GLU A 480 -6.49 5.54 4.50
N LEU A 481 -7.40 4.60 4.27
CA LEU A 481 -8.81 4.79 4.63
C LEU A 481 -9.08 4.80 6.12
N TYR A 482 -8.39 3.95 6.90
CA TYR A 482 -8.58 3.95 8.36
C TYR A 482 -8.53 5.39 8.94
N ASN A 483 -7.51 6.17 8.56
CA ASN A 483 -7.39 7.57 9.03
C ASN A 483 -8.66 8.38 8.68
N VAL A 484 -9.17 8.20 7.47
CA VAL A 484 -10.32 8.97 7.02
C VAL A 484 -11.59 8.53 7.74
N MET A 485 -11.72 7.24 7.98
CA MET A 485 -12.87 6.76 8.69
C MET A 485 -12.79 7.27 10.12
N CYS A 486 -11.59 7.38 10.68
CA CYS A 486 -11.48 7.99 12.01
C CYS A 486 -11.88 9.48 11.98
N ASP A 487 -11.39 10.23 10.99
CA ASP A 487 -11.81 11.60 10.73
C ASP A 487 -13.34 11.72 10.64
N LEU A 488 -13.97 10.81 9.89
CA LEU A 488 -15.43 10.85 9.67
C LEU A 488 -16.19 10.65 10.94
N LEU A 489 -15.55 10.04 11.93
CA LEU A 489 -16.22 9.71 13.18
C LEU A 489 -15.70 10.55 14.35
N GLY A 490 -14.83 11.52 14.07
CA GLY A 490 -14.22 12.33 15.12
C GLY A 490 -13.35 11.52 16.06
N LEU A 491 -12.63 10.51 15.56
CA LEU A 491 -11.80 9.64 16.41
C LEU A 491 -10.35 9.98 16.16
N LYS A 492 -9.51 9.73 17.16
CA LYS A 492 -8.09 9.82 16.99
C LYS A 492 -7.59 8.44 16.53
N PRO A 493 -6.94 8.38 15.36
CA PRO A 493 -6.54 7.03 14.86
C PRO A 493 -5.40 6.43 15.66
N ALA A 494 -5.38 5.11 15.86
CA ALA A 494 -4.22 4.43 16.44
C ALA A 494 -3.06 4.57 15.46
N PRO A 495 -1.81 4.34 15.93
CA PRO A 495 -0.68 4.51 14.99
C PRO A 495 -0.80 3.53 13.80
N ASN A 496 -0.63 4.02 12.58
CA ASN A 496 -0.88 3.15 11.42
C ASN A 496 0.00 3.52 10.22
N ASN A 497 -0.17 2.84 9.08
CA ASN A 497 0.69 3.05 7.90
C ASN A 497 0.15 4.07 6.87
N GLY A 498 -1.08 4.54 7.05
CA GLY A 498 -1.58 5.65 6.25
C GLY A 498 -0.73 6.90 6.54
N THR A 499 -0.89 7.91 5.69
CA THR A 499 -0.23 9.19 5.90
C THR A 499 -1.37 10.17 6.07
N HIS A 500 -1.59 10.57 7.32
CA HIS A 500 -2.82 11.25 7.69
C HIS A 500 -2.78 12.67 7.13
N GLY A 501 -3.77 13.00 6.30
CA GLY A 501 -3.83 14.23 5.54
C GLY A 501 -3.65 13.99 4.05
N SER A 502 -3.16 12.80 3.68
CA SER A 502 -2.95 12.59 2.25
C SER A 502 -4.26 12.38 1.49
N LEU A 503 -5.36 12.08 2.20
CA LEU A 503 -6.68 12.01 1.61
C LEU A 503 -7.64 13.14 2.03
N ASN A 504 -7.10 14.24 2.58
CA ASN A 504 -7.93 15.44 2.84
C ASN A 504 -8.75 15.91 1.67
N HIS A 505 -8.23 15.81 0.44
CA HIS A 505 -8.97 16.21 -0.74
C HIS A 505 -10.21 15.38 -1.08
N LEU A 506 -10.50 14.32 -0.32
CA LEU A 506 -11.76 13.59 -0.50
C LEU A 506 -12.90 14.27 0.25
N LEU A 507 -12.55 15.17 1.17
CA LEU A 507 -13.47 15.55 2.24
C LEU A 507 -13.88 17.02 2.13
N ARG A 508 -15.18 17.26 2.33
CA ARG A 508 -15.76 18.59 2.33
C ARG A 508 -15.29 19.29 3.57
N THR A 509 -15.39 18.61 4.73
CA THR A 509 -14.96 19.14 6.03
C THR A 509 -14.31 17.99 6.82
N ASN A 510 -14.08 18.19 8.12
CA ASN A 510 -13.50 17.18 9.02
C ASN A 510 -12.05 16.91 8.69
N THR A 511 -11.44 17.81 7.90
CA THR A 511 -10.08 17.53 7.46
C THR A 511 -9.17 17.55 8.70
N PHE A 512 -8.00 16.93 8.57
CA PHE A 512 -7.07 16.79 9.68
C PHE A 512 -5.94 17.66 9.22
N ARG A 513 -5.51 18.57 10.06
CA ARG A 513 -4.54 19.57 9.62
C ARG A 513 -3.18 19.17 10.08
N PRO A 514 -2.44 18.47 9.21
CA PRO A 514 -1.17 17.94 9.71
C PRO A 514 -0.04 19.00 9.68
N THR A 515 1.01 18.78 10.45
CA THR A 515 2.17 19.68 10.45
C THR A 515 3.41 18.89 10.06
N MET A 516 4.37 19.58 9.45
CA MET A 516 5.59 18.93 9.02
C MET A 516 6.33 18.46 10.26
N PRO A 517 6.92 17.26 10.20
CA PRO A 517 7.66 16.84 11.39
C PRO A 517 8.88 17.77 11.60
N ASP A 518 9.26 17.99 12.86
CA ASP A 518 10.40 18.86 13.16
C ASP A 518 11.74 18.17 12.85
N GLU A 519 12.67 18.92 12.26
CA GLU A 519 14.02 18.44 12.04
C GLU A 519 14.69 18.18 13.39
N VAL A 520 15.32 17.03 13.55
CA VAL A 520 15.96 16.70 14.80
C VAL A 520 17.43 17.09 14.79
N SER A 521 18.14 16.88 13.69
CA SER A 521 19.56 17.24 13.61
C SER A 521 19.77 18.34 12.62
N ARG A 522 20.42 19.40 13.04
CA ARG A 522 20.74 20.45 12.08
C ARG A 522 22.09 20.17 11.46
N PRO A 523 22.32 20.59 10.21
CA PRO A 523 23.59 20.17 9.63
C PRO A 523 24.73 21.08 10.02
N ASN A 524 25.95 20.64 9.73
CA ASN A 524 27.14 21.49 9.74
C ASN A 524 27.38 21.95 8.32
N TYR A 525 28.05 23.08 8.17
CA TYR A 525 28.43 23.61 6.86
C TYR A 525 29.97 23.78 6.85
N PRO A 526 30.73 22.69 6.65
CA PRO A 526 32.19 22.83 6.75
C PRO A 526 32.82 23.59 5.60
N GLY A 527 33.81 24.41 5.91
CA GLY A 527 34.61 25.08 4.88
C GLY A 527 35.88 24.25 4.70
N ILE A 528 36.86 24.82 4.01
CA ILE A 528 38.12 24.15 3.80
C ILE A 528 38.96 24.04 5.08
N MET A 529 39.18 22.81 5.56
CA MET A 529 39.80 22.60 6.89
C MET A 529 40.94 21.60 6.91
N TYR A 530 41.27 21.02 5.77
CA TYR A 530 42.26 19.93 5.75
C TYR A 530 43.16 20.08 4.56
N LEU A 531 44.44 19.85 4.77
CA LEU A 531 45.39 19.84 3.68
C LEU A 531 45.41 18.46 3.04
N GLN A 532 45.59 18.44 1.73
CA GLN A 532 45.64 17.21 0.93
C GLN A 532 46.48 16.12 1.62
N SER A 533 47.68 16.51 2.06
CA SER A 533 48.62 15.57 2.60
C SER A 533 48.22 14.96 3.96
N GLU A 534 47.18 15.48 4.63
CA GLU A 534 46.66 14.79 5.84
C GLU A 534 45.88 13.51 5.54
N PHE A 535 45.58 13.28 4.27
CA PHE A 535 44.77 12.12 3.94
C PHE A 535 45.66 10.97 3.55
N ASP A 536 45.45 9.81 4.14
CA ASP A 536 46.17 8.66 3.66
C ASP A 536 45.19 7.52 3.38
N LEU A 537 44.50 7.64 2.26
CA LEU A 537 43.37 6.78 1.99
C LEU A 537 43.70 5.80 0.87
N GLY A 538 44.83 6.01 0.21
CA GLY A 538 45.26 5.10 -0.87
C GLY A 538 44.54 5.46 -2.15
N CYS A 539 43.89 6.62 -2.14
CA CYS A 539 43.21 7.14 -3.30
C CYS A 539 44.22 7.88 -4.14
N THR A 540 44.06 7.84 -5.46
CA THR A 540 44.89 8.62 -6.38
C THR A 540 44.00 9.29 -7.41
N CYS A 541 44.41 10.47 -7.85
CA CYS A 541 43.77 11.13 -8.96
C CYS A 541 44.77 11.93 -9.81
N ASP A 542 44.71 11.71 -11.12
CA ASP A 542 45.42 12.52 -12.10
C ASP A 542 44.75 13.91 -12.20
N ASP A 543 45.00 14.79 -11.24
CA ASP A 543 44.28 16.07 -11.19
C ASP A 543 45.09 17.32 -10.88
N LYS A 544 46.42 17.21 -10.88
CA LYS A 544 47.29 18.36 -10.56
C LYS A 544 47.54 19.27 -11.80
N VAL A 545 46.61 19.27 -12.75
CA VAL A 545 46.72 20.15 -13.94
C VAL A 545 46.01 21.50 -13.68
N GLU A 546 46.76 22.60 -13.81
CA GLU A 546 46.29 23.96 -13.48
C GLU A 546 44.93 24.30 -14.08
N ASN A 549 43.36 31.03 -12.53
CA ASN A 549 42.56 32.12 -13.09
C ASN A 549 41.95 33.03 -12.02
N LYS A 550 41.81 34.31 -12.34
CA LYS A 550 41.23 35.30 -11.41
C LYS A 550 39.70 35.45 -11.52
N LEU A 551 39.17 35.18 -12.71
CA LEU A 551 37.71 35.09 -12.95
C LEU A 551 37.15 33.81 -12.28
N GLU A 552 37.73 32.67 -12.65
CA GLU A 552 37.22 31.33 -12.34
C GLU A 552 37.62 30.71 -10.98
N GLU A 553 38.37 31.45 -10.16
CA GLU A 553 38.58 31.03 -8.77
C GLU A 553 37.55 31.61 -7.82
N LEU A 554 37.12 32.86 -8.09
CA LEU A 554 36.01 33.49 -7.36
C LEU A 554 34.71 32.73 -7.65
N ASN A 555 34.58 32.31 -8.92
CA ASN A 555 33.47 31.49 -9.39
C ASN A 555 33.31 30.14 -8.66
N LYS A 556 34.40 29.37 -8.57
CA LYS A 556 34.38 28.02 -7.94
C LYS A 556 34.17 28.09 -6.41
N ARG A 557 34.71 29.15 -5.80
CA ARG A 557 34.45 29.50 -4.40
C ARG A 557 32.96 29.72 -4.11
N LEU A 558 32.28 30.47 -4.99
CA LEU A 558 30.86 30.76 -4.81
C LEU A 558 30.02 29.46 -4.93
N HIS A 559 30.43 28.60 -5.86
CA HIS A 559 29.82 27.27 -6.06
C HIS A 559 29.90 26.43 -4.78
N THR A 560 31.11 26.35 -4.22
CA THR A 560 31.33 25.68 -2.93
C THR A 560 30.59 26.33 -1.74
N LYS A 561 30.15 27.59 -1.88
CA LYS A 561 29.37 28.28 -0.84
C LYS A 561 27.84 28.19 -1.04
N GLY A 562 27.41 27.58 -2.14
CA GLY A 562 26.00 27.34 -2.41
C GLY A 562 25.36 28.34 -3.36
N SER A 563 26.15 28.86 -4.31
CA SER A 563 25.63 29.80 -5.33
C SER A 563 24.61 29.18 -6.32
N THR A 564 24.87 27.94 -6.74
CA THR A 564 23.95 27.21 -7.63
C THR A 564 22.90 26.36 -6.86
N LYS A 565 22.83 26.49 -5.53
CA LYS A 565 21.96 25.60 -4.73
C LYS A 565 20.46 25.65 -5.09
N GLU A 566 19.97 26.82 -5.49
CA GLU A 566 18.57 27.00 -5.90
C GLU A 566 18.23 26.29 -7.22
N ARG A 567 19.27 25.91 -7.96
CA ARG A 567 19.17 25.14 -9.19
C ARG A 567 19.04 23.64 -8.83
N HIS A 568 19.77 23.19 -7.82
CA HIS A 568 19.93 21.75 -7.56
C HIS A 568 19.16 21.25 -6.36
N LEU A 569 18.78 22.17 -5.49
CA LEU A 569 17.92 21.87 -4.37
C LEU A 569 16.59 22.63 -4.52
N LEU A 570 15.65 22.04 -5.25
CA LEU A 570 14.45 22.75 -5.69
C LEU A 570 13.35 22.84 -4.65
N TYR A 571 13.31 21.90 -3.72
CA TYR A 571 12.20 21.82 -2.78
C TYR A 571 12.73 21.89 -1.35
N GLY A 572 13.88 22.53 -1.19
CA GLY A 572 14.46 22.68 0.14
C GLY A 572 15.33 21.48 0.45
N ARG A 573 16.16 21.56 1.48
CA ARG A 573 16.94 20.38 1.84
C ARG A 573 16.06 19.44 2.66
N PRO A 574 16.23 18.11 2.51
CA PRO A 574 15.43 17.15 3.29
C PRO A 574 15.71 17.41 4.75
N ALA A 575 14.72 17.21 5.63
CA ALA A 575 15.02 17.28 7.05
C ALA A 575 15.44 15.91 7.58
N VAL A 576 16.42 15.90 8.48
CA VAL A 576 16.84 14.70 9.15
C VAL A 576 16.05 14.55 10.43
N LEU A 577 15.28 13.47 10.54
CA LEU A 577 14.36 13.35 11.67
C LEU A 577 14.86 12.43 12.76
N TYR A 578 16.16 12.17 12.81
CA TYR A 578 16.78 11.43 13.92
C TYR A 578 18.07 12.16 14.33
N ARG A 579 18.64 11.75 15.43
CA ARG A 579 19.82 12.37 16.03
C ARG A 579 21.08 11.83 15.35
N THR A 580 21.82 12.70 14.66
CA THR A 580 23.00 12.23 13.93
C THR A 580 23.92 13.40 13.63
N SER A 581 25.07 13.12 13.04
CA SER A 581 26.03 14.15 12.75
C SER A 581 26.27 14.21 11.25
N TYR A 582 25.96 15.33 10.60
CA TYR A 582 26.11 15.39 9.16
C TYR A 582 26.43 16.78 8.65
N ASP A 583 26.93 16.85 7.41
CA ASP A 583 27.42 18.06 6.80
C ASP A 583 26.70 18.33 5.50
N ILE A 584 26.33 19.58 5.24
CA ILE A 584 25.88 19.94 3.90
C ILE A 584 27.11 20.27 3.06
N LEU A 585 27.21 19.66 1.88
CA LEU A 585 28.29 19.91 0.94
C LEU A 585 27.71 20.46 -0.38
N TYR A 586 28.18 21.63 -0.75
CA TYR A 586 27.78 22.30 -1.98
C TYR A 586 28.79 22.07 -3.12
N HIS A 587 28.31 21.96 -4.34
CA HIS A 587 29.13 21.85 -5.55
C HIS A 587 28.42 22.52 -6.70
N THR A 588 29.17 22.79 -7.77
CA THR A 588 28.57 23.34 -9.00
C THR A 588 27.33 22.57 -9.46
N ASP A 589 27.44 21.25 -9.52
CA ASP A 589 26.37 20.41 -10.13
C ASP A 589 25.40 19.71 -9.16
N PHE A 590 25.72 19.68 -7.88
CA PHE A 590 24.96 18.93 -6.93
C PHE A 590 25.25 19.35 -5.52
N GLU A 591 24.27 19.06 -4.67
CA GLU A 591 24.36 19.32 -3.25
CA GLU A 591 24.38 19.32 -3.23
C GLU A 591 24.12 18.00 -2.47
N SER A 592 24.87 17.78 -1.41
CA SER A 592 24.69 16.57 -0.62
C SER A 592 24.61 16.81 0.90
N GLY A 593 23.95 15.89 1.60
CA GLY A 593 23.93 15.83 3.05
C GLY A 593 24.82 14.66 3.42
N TYR A 594 26.07 14.96 3.83
CA TYR A 594 27.10 13.90 4.11
C TYR A 594 27.15 13.43 5.58
N SER A 595 26.97 12.13 5.78
CA SER A 595 26.86 11.58 7.12
C SER A 595 28.24 11.20 7.62
N GLU A 596 28.65 11.79 8.74
CA GLU A 596 29.93 11.47 9.37
C GLU A 596 29.86 10.11 10.06
N ILE A 597 28.65 9.64 10.36
CA ILE A 597 28.47 8.35 11.03
C ILE A 597 28.53 7.19 10.02
N PHE A 598 27.82 7.30 8.91
CA PHE A 598 27.83 6.25 7.88
C PHE A 598 28.88 6.44 6.80
N LEU A 599 29.68 7.50 6.89
CA LEU A 599 30.75 7.84 5.92
C LEU A 599 30.31 7.98 4.44
N MET A 600 29.07 8.41 4.20
CA MET A 600 28.61 8.65 2.85
C MET A 600 27.42 9.60 2.92
N PRO A 601 26.95 10.08 1.74
CA PRO A 601 25.77 10.92 1.82
C PRO A 601 24.54 10.12 2.23
N LEU A 602 23.67 10.75 2.98
CA LEU A 602 22.30 10.29 3.15
C LEU A 602 21.46 10.67 1.95
N TRP A 603 21.77 11.80 1.34
CA TRP A 603 21.05 12.26 0.17
C TRP A 603 22.00 13.07 -0.70
N THR A 604 21.79 12.99 -2.00
CA THR A 604 22.47 13.84 -2.98
C THR A 604 21.38 14.39 -3.92
N SER A 605 21.41 15.71 -4.17
CA SER A 605 20.38 16.41 -4.94
C SER A 605 21.00 17.12 -6.15
N TYR A 606 20.46 16.81 -7.33
CA TYR A 606 20.85 17.49 -8.55
C TYR A 606 19.73 17.68 -9.59
N THR A 607 19.79 18.75 -10.34
CA THR A 607 18.83 18.99 -11.40
C THR A 607 19.53 18.81 -12.75
N ILE A 608 18.85 18.09 -13.64
CA ILE A 608 19.28 17.84 -15.03
C ILE A 608 18.20 18.44 -15.94
N SER A 609 18.55 19.51 -16.64
CA SER A 609 17.57 20.18 -17.50
C SER A 609 17.42 19.39 -18.83
N LYS A 610 16.34 19.68 -19.57
CA LYS A 610 16.11 19.01 -20.88
C LYS A 610 17.30 19.17 -21.85
N GLN A 611 17.95 20.33 -21.79
CA GLN A 611 19.09 20.69 -22.63
C GLN A 611 20.41 20.02 -22.26
N ALA A 612 20.52 19.47 -21.04
CA ALA A 612 21.83 18.99 -20.51
C ALA A 612 22.42 17.90 -21.37
N GLU A 613 23.74 17.79 -21.33
CA GLU A 613 24.46 16.82 -22.17
C GLU A 613 25.22 15.76 -21.35
N VAL A 614 25.20 14.54 -21.86
CA VAL A 614 25.92 13.42 -21.29
C VAL A 614 27.29 13.44 -21.93
N SER A 615 28.32 13.46 -21.09
CA SER A 615 29.69 13.27 -21.53
C SER A 615 30.13 11.95 -20.92
N SER A 616 31.39 11.58 -21.11
CA SER A 616 31.90 10.38 -20.48
C SER A 616 33.00 10.71 -19.46
N ILE A 617 33.47 9.70 -18.76
CA ILE A 617 34.61 9.84 -17.87
C ILE A 617 35.89 9.75 -18.70
N PRO A 618 36.66 10.86 -18.77
CA PRO A 618 37.98 10.84 -19.43
C PRO A 618 38.88 9.74 -18.88
N GLU A 619 39.76 9.21 -19.74
CA GLU A 619 40.62 8.06 -19.41
C GLU A 619 41.58 8.33 -18.25
N HIS A 620 42.08 9.57 -18.15
CA HIS A 620 43.00 9.93 -17.07
C HIS A 620 42.29 9.97 -15.70
N LEU A 621 40.95 9.87 -15.71
CA LEU A 621 40.14 9.96 -14.50
C LEU A 621 39.38 8.68 -14.14
N THR A 622 39.65 7.57 -14.82
CA THR A 622 38.84 6.35 -14.64
C THR A 622 38.83 5.87 -13.18
N ASN A 623 39.99 5.90 -12.54
CA ASN A 623 40.10 5.38 -11.18
C ASN A 623 40.42 6.47 -10.16
N CYS A 624 40.07 7.69 -10.52
CA CYS A 624 40.34 8.85 -9.68
C CYS A 624 39.32 8.99 -8.53
N VAL A 625 39.83 9.11 -7.31
CA VAL A 625 39.03 9.47 -6.15
C VAL A 625 39.82 10.56 -5.44
N ARG A 626 39.19 11.69 -5.16
CA ARG A 626 39.89 12.85 -4.61
C ARG A 626 39.45 13.05 -3.16
N PRO A 627 40.41 13.35 -2.27
CA PRO A 627 40.06 13.78 -0.90
C PRO A 627 39.18 15.03 -0.86
N ASP A 628 38.23 15.08 0.09
CA ASP A 628 37.40 16.27 0.26
C ASP A 628 37.93 17.09 1.47
N VAL A 629 38.57 18.21 1.16
CA VAL A 629 39.29 19.01 2.16
C VAL A 629 38.35 19.69 3.15
N ARG A 630 37.04 19.56 2.93
CA ARG A 630 36.04 20.01 3.88
C ARG A 630 35.76 18.93 4.95
N VAL A 631 36.26 17.71 4.78
CA VAL A 631 35.81 16.59 5.64
C VAL A 631 37.02 15.80 6.11
N SER A 632 37.14 15.54 7.42
CA SER A 632 38.37 14.94 7.94
C SER A 632 38.67 13.54 7.37
N PRO A 633 39.98 13.18 7.25
CA PRO A 633 40.35 11.79 6.99
C PRO A 633 39.49 10.83 7.83
N GLY A 634 39.33 11.11 9.13
CA GLY A 634 38.71 10.16 10.05
C GLY A 634 37.24 9.91 9.73
N PHE A 635 36.62 10.83 8.98
CA PHE A 635 35.22 10.70 8.59
C PHE A 635 35.04 10.44 7.09
N SER A 636 36.05 9.84 6.47
CA SER A 636 36.04 9.62 5.02
C SER A 636 36.08 8.14 4.75
N GLN A 637 35.67 7.76 3.55
CA GLN A 637 35.97 6.42 3.09
C GLN A 637 37.45 6.33 2.66
N ASN A 638 37.93 5.14 2.34
CA ASN A 638 39.29 5.02 1.79
C ASN A 638 39.34 4.01 0.67
N CYS A 639 40.21 4.26 -0.30
CA CYS A 639 40.31 3.45 -1.51
C CYS A 639 40.86 2.07 -1.27
N LEU A 640 41.67 1.93 -0.22
CA LEU A 640 42.37 0.69 0.08
C LEU A 640 41.39 -0.40 0.49
N ALA A 641 40.39 -0.05 1.29
CA ALA A 641 39.34 -1.00 1.65
C ALA A 641 38.70 -1.66 0.42
N TYR A 642 38.38 -0.85 -0.59
CA TYR A 642 37.81 -1.34 -1.87
C TYR A 642 38.77 -2.23 -2.63
N LYS A 643 40.05 -1.90 -2.52
CA LYS A 643 41.08 -2.68 -3.17
C LYS A 643 41.13 -4.04 -2.49
N ASN A 644 41.24 -4.05 -1.16
CA ASN A 644 41.28 -5.30 -0.43
C ASN A 644 39.99 -6.13 -0.49
N ASP A 645 38.84 -5.46 -0.66
CA ASP A 645 37.55 -6.16 -0.74
C ASP A 645 37.29 -6.64 -2.16
N LYS A 646 37.50 -7.93 -2.34
CA LYS A 646 37.35 -8.55 -3.65
C LYS A 646 35.90 -8.60 -4.16
N GLN A 647 34.92 -8.58 -3.28
CA GLN A 647 33.51 -8.59 -3.75
C GLN A 647 32.95 -7.20 -4.00
N MET A 648 33.59 -6.18 -3.41
CA MET A 648 32.97 -4.88 -3.29
C MET A 648 33.72 -3.87 -4.11
N SER A 649 32.98 -3.14 -4.93
CA SER A 649 33.58 -2.06 -5.69
C SER A 649 32.90 -0.74 -5.23
N TYR A 650 32.87 0.30 -6.05
CA TYR A 650 32.24 1.56 -5.64
C TYR A 650 31.64 2.32 -6.82
N GLY A 651 30.63 3.12 -6.53
CA GLY A 651 29.99 4.00 -7.52
C GLY A 651 29.83 5.40 -6.95
N PHE A 652 29.14 6.28 -7.68
CA PHE A 652 29.02 7.66 -7.29
C PHE A 652 27.55 8.04 -7.26
N LEU A 653 27.15 8.85 -6.29
CA LEU A 653 25.76 9.27 -6.24
C LEU A 653 25.41 10.36 -7.26
N PHE A 654 26.22 11.40 -7.36
CA PHE A 654 26.04 12.30 -8.54
C PHE A 654 26.88 11.67 -9.65
N PRO A 655 26.27 11.35 -10.81
CA PRO A 655 27.06 10.67 -11.84
C PRO A 655 28.07 11.62 -12.53
N PRO A 656 29.36 11.24 -12.60
CA PRO A 656 30.31 11.99 -13.44
C PRO A 656 29.81 12.26 -14.87
N TYR A 657 29.04 11.33 -15.45
CA TYR A 657 28.57 11.48 -16.84
C TYR A 657 27.79 12.77 -17.06
N LEU A 658 27.21 13.33 -15.99
CA LEU A 658 26.32 14.48 -16.16
C LEU A 658 26.92 15.80 -15.66
N SER A 659 28.22 15.81 -15.46
CA SER A 659 28.90 17.04 -15.01
C SER A 659 28.68 18.16 -16.03
N SER A 660 28.55 19.40 -15.56
CA SER A 660 28.21 20.52 -16.45
C SER A 660 29.39 21.07 -17.28
N SER A 661 30.61 20.66 -16.94
CA SER A 661 31.83 21.17 -17.54
C SER A 661 32.99 20.25 -17.15
N PRO A 662 34.05 20.20 -17.98
CA PRO A 662 35.23 19.42 -17.62
C PRO A 662 35.74 19.74 -16.22
N GLU A 663 35.72 21.01 -15.83
CA GLU A 663 36.24 21.40 -14.52
C GLU A 663 35.30 20.99 -13.36
N ALA A 664 34.00 21.05 -13.60
CA ALA A 664 33.04 20.63 -12.57
C ALA A 664 33.10 19.11 -12.41
N LYS A 665 33.46 18.40 -13.48
CA LYS A 665 33.57 16.94 -13.38
C LYS A 665 34.46 16.47 -12.22
N TYR A 666 35.50 17.23 -11.87
CA TYR A 666 36.36 16.85 -10.73
C TYR A 666 35.63 16.66 -9.42
N ASP A 667 34.58 17.46 -9.19
CA ASP A 667 33.76 17.37 -7.97
C ASP A 667 33.13 16.01 -7.85
N ALA A 668 32.77 15.41 -8.98
CA ALA A 668 32.09 14.10 -8.93
C ALA A 668 32.98 12.99 -8.41
N PHE A 669 34.30 13.18 -8.44
CA PHE A 669 35.20 12.15 -7.98
C PHE A 669 35.61 12.28 -6.51
N LEU A 670 34.97 13.21 -5.80
CA LEU A 670 35.27 13.43 -4.39
C LEU A 670 34.90 12.18 -3.62
N VAL A 671 35.72 11.85 -2.64
CA VAL A 671 35.54 10.65 -1.81
C VAL A 671 34.23 10.74 -1.06
N THR A 672 33.72 11.96 -0.94
CA THR A 672 32.43 12.17 -0.25
C THR A 672 31.20 11.94 -1.15
N ASN A 673 31.40 11.63 -2.43
CA ASN A 673 30.33 11.33 -3.37
C ASN A 673 30.34 9.80 -3.68
N MET A 674 31.27 9.09 -3.07
CA MET A 674 31.49 7.67 -3.33
C MET A 674 30.63 6.80 -2.42
N VAL A 675 30.12 5.68 -2.95
CA VAL A 675 29.33 4.71 -2.17
C VAL A 675 29.69 3.29 -2.54
N PRO A 676 29.47 2.33 -1.62
CA PRO A 676 29.88 0.95 -1.95
C PRO A 676 28.88 0.27 -2.88
N MET A 677 29.41 -0.40 -3.90
CA MET A 677 28.61 -1.12 -4.89
C MET A 677 29.26 -2.39 -5.39
N TYR A 678 28.51 -3.48 -5.29
CA TYR A 678 28.83 -4.71 -6.01
C TYR A 678 28.92 -4.44 -7.50
N PRO A 679 29.91 -5.06 -8.18
CA PRO A 679 30.03 -4.97 -9.65
C PRO A 679 28.73 -5.35 -10.38
N ALA A 680 28.03 -6.37 -9.92
CA ALA A 680 26.76 -6.72 -10.52
C ALA A 680 25.78 -5.52 -10.42
N PHE A 681 25.72 -4.87 -9.25
CA PHE A 681 24.87 -3.69 -9.12
C PHE A 681 25.33 -2.49 -9.93
N LYS A 682 26.64 -2.35 -10.14
CA LYS A 682 27.16 -1.24 -10.95
C LYS A 682 26.66 -1.24 -12.39
N ARG A 683 26.45 -2.41 -12.95
CA ARG A 683 25.77 -2.52 -14.26
C ARG A 683 24.42 -1.80 -14.27
N VAL A 684 23.62 -2.00 -13.22
CA VAL A 684 22.31 -1.32 -13.07
C VAL A 684 22.47 0.18 -12.90
N TRP A 685 23.26 0.56 -11.90
CA TRP A 685 23.48 1.94 -11.52
C TRP A 685 24.00 2.78 -12.70
N ALA A 686 25.02 2.27 -13.37
CA ALA A 686 25.69 2.97 -14.48
C ALA A 686 24.72 3.22 -15.63
N TYR A 687 23.84 2.27 -15.89
CA TYR A 687 22.84 2.44 -16.92
C TYR A 687 21.77 3.47 -16.54
N PHE A 688 21.30 3.40 -15.30
CA PHE A 688 20.40 4.42 -14.79
C PHE A 688 21.00 5.83 -14.94
N GLN A 689 22.24 6.00 -14.48
CA GLN A 689 22.90 7.31 -14.50
C GLN A 689 23.34 7.76 -15.91
N ARG A 690 23.84 6.84 -16.75
CA ARG A 690 24.31 7.25 -18.08
C ARG A 690 23.18 7.47 -19.11
N VAL A 691 22.20 6.57 -19.12
CA VAL A 691 21.13 6.58 -20.11
C VAL A 691 19.82 7.11 -19.55
N LEU A 692 19.31 6.47 -18.50
CA LEU A 692 17.97 6.83 -18.03
C LEU A 692 17.75 8.24 -17.51
N VAL A 693 18.68 8.79 -16.75
CA VAL A 693 18.43 10.13 -16.19
C VAL A 693 18.18 11.11 -17.36
N LYS A 694 19.02 11.01 -18.40
CA LYS A 694 18.93 11.92 -19.53
C LYS A 694 17.62 11.67 -20.29
N LYS A 695 17.27 10.40 -20.46
CA LYS A 695 15.97 10.06 -21.07
C LYS A 695 14.82 10.73 -20.34
N TYR A 696 14.78 10.58 -19.03
CA TYR A 696 13.73 11.23 -18.25
C TYR A 696 13.74 12.75 -18.38
N ALA A 697 14.93 13.36 -18.37
CA ALA A 697 14.96 14.81 -18.46
C ALA A 697 14.41 15.27 -19.83
N SER A 698 14.66 14.51 -20.89
CA SER A 698 14.07 14.86 -22.22
C SER A 698 12.54 14.69 -22.21
N GLU A 699 12.06 13.54 -21.71
CA GLU A 699 10.63 13.25 -21.68
C GLU A 699 9.90 14.20 -20.73
N ARG A 700 10.53 14.61 -19.62
CA ARG A 700 9.79 15.30 -18.57
C ARG A 700 10.06 16.81 -18.52
N ASN A 701 10.95 17.27 -19.39
CA ASN A 701 11.34 18.69 -19.46
C ASN A 701 12.14 19.09 -18.21
N GLY A 702 13.27 18.42 -18.03
CA GLY A 702 14.07 18.57 -16.81
C GLY A 702 13.56 17.65 -15.70
N VAL A 703 14.50 17.10 -14.94
CA VAL A 703 14.16 16.45 -13.67
C VAL A 703 15.08 16.91 -12.56
N ASN A 704 14.53 16.97 -11.35
CA ASN A 704 15.32 17.03 -10.15
C ASN A 704 15.48 15.58 -9.61
N VAL A 705 16.72 15.19 -9.32
CA VAL A 705 17.02 13.87 -8.79
C VAL A 705 17.60 13.92 -7.37
N ILE A 706 17.02 13.17 -6.45
CA ILE A 706 17.64 12.92 -5.14
C ILE A 706 17.88 11.44 -4.97
N SER A 707 19.15 11.10 -4.73
CA SER A 707 19.58 9.72 -4.63
C SER A 707 20.29 9.51 -3.34
N GLY A 708 20.32 8.25 -2.88
CA GLY A 708 21.09 7.90 -1.69
C GLY A 708 21.04 6.43 -1.34
N PRO A 709 21.72 6.05 -0.25
CA PRO A 709 21.76 4.67 0.25
C PRO A 709 20.60 4.38 1.19
N ILE A 710 20.20 3.12 1.33
CA ILE A 710 19.24 2.71 2.36
C ILE A 710 19.84 1.51 3.10
N PHE A 711 19.68 1.45 4.43
CA PHE A 711 20.14 0.30 5.20
C PHE A 711 18.91 -0.29 5.92
N ASP A 712 18.45 -1.45 5.46
CA ASP A 712 17.35 -2.13 6.13
C ASP A 712 17.71 -3.63 6.33
N TYR A 713 18.75 -3.90 7.12
CA TYR A 713 19.14 -5.29 7.41
C TYR A 713 18.10 -6.15 8.17
N ASN A 714 17.20 -5.56 8.93
CA ASN A 714 16.22 -6.38 9.64
C ASN A 714 14.85 -6.35 8.90
N TYR A 715 14.87 -5.87 7.64
CA TYR A 715 13.72 -5.80 6.75
C TYR A 715 12.39 -5.38 7.41
N ASP A 716 12.44 -4.32 8.22
CA ASP A 716 11.22 -3.79 8.87
C ASP A 716 10.68 -2.54 8.16
N GLY A 717 11.33 -2.15 7.07
CA GLY A 717 10.90 -0.99 6.29
C GLY A 717 11.31 0.33 6.92
N LEU A 718 12.15 0.26 7.96
CA LEU A 718 12.56 1.43 8.73
C LEU A 718 14.07 1.57 8.77
N ARG A 719 14.55 2.82 8.79
CA ARG A 719 15.96 3.11 8.76
C ARG A 719 16.68 2.29 9.85
N ASP A 720 17.74 1.56 9.52
CA ASP A 720 18.61 0.97 10.57
C ASP A 720 19.45 1.98 11.33
N THR A 721 19.59 1.77 12.64
CA THR A 721 20.64 2.46 13.40
C THR A 721 21.98 1.77 13.05
N GLU A 722 23.10 2.43 13.37
CA GLU A 722 24.44 1.91 13.04
C GLU A 722 24.75 0.55 13.63
N ASP A 723 24.25 0.25 14.82
CA ASP A 723 24.51 -1.07 15.40
C ASP A 723 23.63 -2.18 14.82
N GLU A 724 22.86 -1.88 13.78
CA GLU A 724 22.03 -2.93 13.09
C GLU A 724 22.64 -3.39 11.76
N ILE A 725 23.75 -2.78 11.40
CA ILE A 725 24.41 -3.02 10.11
C ILE A 725 25.14 -4.33 10.12
N LYS A 726 24.79 -5.23 9.19
CA LYS A 726 25.38 -6.56 9.17
C LYS A 726 26.59 -6.73 8.25
N GLN A 727 26.87 -5.74 7.40
CA GLN A 727 27.97 -5.88 6.46
C GLN A 727 28.71 -4.57 6.19
N TYR A 728 30.04 -4.65 6.16
CA TYR A 728 30.95 -3.51 5.99
C TYR A 728 31.87 -3.86 4.85
N VAL A 729 32.39 -2.84 4.19
CA VAL A 729 33.45 -3.02 3.24
C VAL A 729 34.63 -3.58 4.02
N GLU A 730 35.15 -4.71 3.54
CA GLU A 730 36.14 -5.49 4.27
C GLU A 730 37.25 -4.67 4.86
N GLY A 731 37.43 -4.83 6.18
CA GLY A 731 38.50 -4.19 6.92
C GLY A 731 38.29 -2.71 7.19
N SER A 732 37.04 -2.22 7.10
CA SER A 732 36.75 -0.79 7.30
C SER A 732 35.48 -0.64 8.11
N SER A 733 35.17 0.61 8.44
CA SER A 733 33.88 0.97 9.01
C SER A 733 32.89 1.54 7.98
N ILE A 734 33.07 1.21 6.71
CA ILE A 734 32.15 1.68 5.65
C ILE A 734 31.01 0.66 5.52
N PRO A 735 29.79 1.02 5.97
CA PRO A 735 28.65 0.09 5.96
C PRO A 735 28.10 -0.09 4.54
N VAL A 736 27.60 -1.27 4.24
CA VAL A 736 27.15 -1.58 2.89
C VAL A 736 25.63 -1.36 2.85
N PRO A 737 25.12 -0.51 1.94
CA PRO A 737 23.67 -0.36 1.83
C PRO A 737 22.97 -1.65 1.39
N THR A 738 21.74 -1.86 1.85
CA THR A 738 20.90 -2.96 1.34
C THR A 738 20.20 -2.49 0.05
N HIS A 739 20.01 -1.20 -0.09
CA HIS A 739 19.29 -0.66 -1.24
C HIS A 739 19.88 0.71 -1.62
N TYR A 740 19.65 1.11 -2.88
CA TYR A 740 19.82 2.49 -3.34
C TYR A 740 18.49 3.05 -3.85
N TYR A 741 18.14 4.27 -3.43
CA TYR A 741 16.90 4.94 -3.88
C TYR A 741 17.18 6.10 -4.82
N SER A 742 16.16 6.50 -5.58
CA SER A 742 16.16 7.82 -6.23
C SER A 742 14.75 8.34 -6.33
N ILE A 743 14.62 9.66 -6.18
CA ILE A 743 13.37 10.38 -6.28
C ILE A 743 13.50 11.39 -7.40
N ILE A 744 12.66 11.22 -8.40
CA ILE A 744 12.78 11.98 -9.65
C ILE A 744 11.55 12.84 -9.81
N THR A 745 11.75 14.15 -9.68
CA THR A 745 10.66 15.10 -9.61
C THR A 745 10.76 16.04 -10.83
N SER A 746 9.61 16.40 -11.37
CA SER A 746 9.48 17.44 -12.39
C SER A 746 8.11 18.13 -12.22
N CYS A 747 7.82 19.03 -13.15
CA CYS A 747 6.55 19.75 -13.20
C CYS A 747 5.46 18.91 -13.81
N LEU A 748 4.30 18.88 -13.17
CA LEU A 748 3.18 18.10 -13.70
C LEU A 748 2.78 18.72 -15.04
N ASP A 749 2.74 20.05 -15.10
CA ASP A 749 2.62 20.73 -16.41
C ASP A 749 3.98 20.74 -17.08
N PHE A 750 4.22 19.75 -17.94
CA PHE A 750 5.55 19.51 -18.53
C PHE A 750 5.94 20.49 -19.65
N THR A 751 5.15 21.53 -19.81
CA THR A 751 5.52 22.63 -20.69
C THR A 751 6.41 23.57 -19.91
N GLN A 752 6.35 23.47 -18.58
CA GLN A 752 7.29 24.22 -17.73
C GLN A 752 8.49 23.37 -17.32
N PRO A 753 9.71 23.95 -17.34
CA PRO A 753 10.86 23.11 -17.01
C PRO A 753 10.87 22.80 -15.51
N ALA A 754 11.52 21.70 -15.11
CA ALA A 754 11.54 21.30 -13.68
C ALA A 754 12.00 22.43 -12.75
N ASP A 755 13.04 23.15 -13.16
CA ASP A 755 13.58 24.27 -12.33
C ASP A 755 12.74 25.56 -12.33
N LYS A 756 11.71 25.63 -13.17
CA LYS A 756 10.83 26.82 -13.16
C LYS A 756 9.34 26.46 -13.16
N CYS A 757 8.93 25.62 -12.22
CA CYS A 757 7.56 25.05 -12.24
C CYS A 757 6.64 25.88 -11.34
N ASP A 758 5.46 26.26 -11.79
CA ASP A 758 4.62 27.14 -10.98
C ASP A 758 3.55 26.43 -10.18
N GLY A 759 3.17 25.23 -10.60
CA GLY A 759 2.11 24.53 -9.92
C GLY A 759 2.47 23.13 -9.45
N PRO A 760 1.53 22.18 -9.57
CA PRO A 760 1.71 20.82 -9.03
C PRO A 760 2.94 20.09 -9.60
N LEU A 761 3.51 19.21 -8.78
CA LEU A 761 4.70 18.43 -9.16
C LEU A 761 4.31 17.06 -9.66
N SER A 762 5.26 16.41 -10.31
CA SER A 762 5.11 15.04 -10.77
C SER A 762 6.32 14.22 -10.25
N VAL A 763 6.11 12.99 -9.75
CA VAL A 763 7.22 12.26 -9.16
C VAL A 763 7.18 10.81 -9.53
N SER A 764 8.33 10.21 -9.75
CA SER A 764 8.44 8.77 -9.67
C SER A 764 9.75 8.43 -8.90
N SER A 765 9.75 7.29 -8.22
CA SER A 765 10.84 6.94 -7.33
C SER A 765 11.09 5.45 -7.40
N PHE A 766 12.26 5.04 -6.92
CA PHE A 766 12.55 3.63 -6.79
C PHE A 766 13.48 3.32 -5.61
N ILE A 767 13.44 2.06 -5.18
CA ILE A 767 14.31 1.50 -4.15
C ILE A 767 14.89 0.21 -4.75
N LEU A 768 16.07 0.29 -5.34
CA LEU A 768 16.69 -0.86 -5.97
C LEU A 768 17.47 -1.65 -4.93
N PRO A 769 17.26 -2.97 -4.88
CA PRO A 769 18.07 -3.81 -3.99
C PRO A 769 19.55 -3.82 -4.43
N HIS A 770 20.42 -3.61 -3.45
CA HIS A 770 21.86 -3.65 -3.69
C HIS A 770 22.35 -5.13 -3.61
N ARG A 771 22.33 -5.84 -4.73
CA ARG A 771 22.59 -7.29 -4.71
C ARG A 771 23.90 -7.65 -5.42
N PRO A 772 24.64 -8.66 -4.91
CA PRO A 772 25.92 -9.01 -5.52
C PRO A 772 25.76 -9.78 -6.82
N ASP A 773 24.53 -10.14 -7.20
CA ASP A 773 24.28 -10.82 -8.46
C ASP A 773 23.02 -10.23 -9.05
N ASN A 774 22.80 -10.52 -10.33
CA ASN A 774 21.58 -10.15 -11.01
C ASN A 774 20.69 -11.37 -11.27
N ASP A 775 20.68 -12.31 -10.34
CA ASP A 775 19.81 -13.50 -10.46
C ASP A 775 18.32 -13.16 -10.64
N GLU A 776 17.88 -12.08 -10.00
CA GLU A 776 16.53 -11.58 -10.20
C GLU A 776 16.16 -11.31 -11.67
N SER A 777 17.09 -10.80 -12.47
CA SER A 777 16.78 -10.52 -13.86
C SER A 777 17.29 -11.66 -14.76
N CYS A 778 16.36 -12.50 -15.22
CA CYS A 778 16.68 -13.64 -16.07
C CYS A 778 17.37 -13.27 -17.39
N ASN A 779 17.17 -12.06 -17.87
CA ASN A 779 17.87 -11.58 -19.06
C ASN A 779 19.14 -10.76 -18.81
N SER A 780 19.73 -10.87 -17.62
CA SER A 780 20.88 -10.01 -17.27
C SER A 780 22.18 -10.23 -18.03
N SER A 781 22.32 -11.36 -18.72
CA SER A 781 23.52 -11.56 -19.51
C SER A 781 23.44 -10.71 -20.78
N GLU A 782 22.30 -10.07 -21.02
CA GLU A 782 22.15 -9.25 -22.23
C GLU A 782 22.52 -7.79 -21.97
N ASP A 783 22.37 -6.94 -22.98
CA ASP A 783 22.63 -5.55 -22.79
C ASP A 783 21.62 -4.92 -21.80
N GLU A 784 22.16 -4.12 -20.88
CA GLU A 784 21.38 -3.39 -19.90
C GLU A 784 20.08 -2.77 -20.47
N SER A 785 20.09 -2.39 -21.75
CA SER A 785 18.89 -1.83 -22.39
C SER A 785 17.72 -2.84 -22.49
N LYS A 786 18.00 -4.12 -22.23
CA LYS A 786 16.96 -5.17 -22.30
C LYS A 786 16.42 -5.62 -20.95
N TRP A 787 16.98 -5.13 -19.83
CA TRP A 787 16.55 -5.64 -18.54
C TRP A 787 16.57 -4.62 -17.41
N VAL A 788 17.39 -3.58 -17.50
CA VAL A 788 17.56 -2.67 -16.37
C VAL A 788 16.31 -1.88 -16.08
N GLU A 789 15.75 -1.24 -17.09
CA GLU A 789 14.57 -0.46 -16.86
C GLU A 789 13.43 -1.35 -16.31
N GLU A 790 13.30 -2.57 -16.79
CA GLU A 790 12.29 -3.50 -16.29
C GLU A 790 12.47 -3.76 -14.77
N LEU A 791 13.71 -3.94 -14.35
CA LEU A 791 14.04 -4.11 -12.95
C LEU A 791 13.67 -2.89 -12.08
N MET A 792 13.99 -1.70 -12.57
CA MET A 792 13.67 -0.49 -11.85
C MET A 792 12.18 -0.34 -11.68
N LYS A 793 11.42 -0.59 -12.75
CA LYS A 793 9.96 -0.53 -12.68
C LYS A 793 9.38 -1.45 -11.64
N MET A 794 9.93 -2.65 -11.54
CA MET A 794 9.50 -3.62 -10.53
C MET A 794 9.69 -3.07 -9.12
N HIS A 795 10.75 -2.28 -8.94
CA HIS A 795 11.10 -1.72 -7.64
C HIS A 795 10.74 -0.23 -7.52
N THR A 796 9.64 0.15 -8.16
CA THR A 796 9.05 1.46 -8.04
C THR A 796 8.63 1.65 -6.58
N ALA A 797 8.68 2.88 -6.07
CA ALA A 797 8.33 3.13 -4.67
C ALA A 797 7.63 4.48 -4.47
N ARG A 798 7.01 4.66 -3.31
CA ARG A 798 6.46 5.97 -2.94
C ARG A 798 7.57 6.71 -2.24
N VAL A 799 7.61 8.03 -2.40
CA VAL A 799 8.55 8.82 -1.60
C VAL A 799 8.40 8.46 -0.10
N ARG A 800 7.18 8.22 0.35
CA ARG A 800 6.90 7.91 1.75
C ARG A 800 7.62 6.60 2.22
N ASP A 801 7.77 5.64 1.30
CA ASP A 801 8.48 4.37 1.57
C ASP A 801 9.93 4.76 1.85
N ILE A 802 10.47 5.68 1.04
CA ILE A 802 11.87 6.10 1.20
C ILE A 802 12.09 6.91 2.48
N GLU A 803 11.08 7.69 2.90
CA GLU A 803 11.14 8.43 4.18
C GLU A 803 11.25 7.50 5.39
N HIS A 804 10.46 6.43 5.40
CA HIS A 804 10.54 5.45 6.51
C HIS A 804 11.93 4.80 6.55
N LEU A 805 12.47 4.48 5.37
CA LEU A 805 13.75 3.78 5.24
C LEU A 805 14.98 4.62 5.51
N THR A 806 14.84 5.96 5.46
CA THR A 806 15.97 6.88 5.61
C THR A 806 15.86 7.81 6.82
N GLY A 807 14.64 7.98 7.36
CA GLY A 807 14.40 8.95 8.45
C GLY A 807 14.51 10.39 7.97
N LEU A 808 14.31 10.59 6.66
CA LEU A 808 14.37 11.94 6.05
C LEU A 808 12.94 12.43 5.72
N ASP A 809 12.78 13.73 5.51
CA ASP A 809 11.48 14.25 5.16
C ASP A 809 11.71 15.19 4.00
N PHE A 810 11.14 14.88 2.86
CA PHE A 810 11.42 15.58 1.59
C PHE A 810 10.34 16.65 1.35
N TYR A 811 10.53 17.46 0.30
CA TYR A 811 9.62 18.54 -0.11
C TYR A 811 9.24 19.53 0.99
N ARG A 812 10.23 19.95 1.78
CA ARG A 812 9.98 20.87 2.88
C ARG A 812 9.70 22.29 2.41
N LYS A 813 10.19 22.69 1.24
CA LYS A 813 10.04 24.09 0.80
C LYS A 813 9.51 24.14 -0.61
N THR A 814 8.21 24.16 -0.74
CA THR A 814 7.59 24.23 -2.09
C THR A 814 6.54 25.31 -2.01
N SER A 815 5.92 25.62 -3.13
CA SER A 815 4.84 26.58 -3.06
C SER A 815 3.47 25.88 -2.94
N ARG A 816 3.45 24.57 -2.70
CA ARG A 816 2.18 23.82 -2.61
C ARG A 816 1.68 23.60 -1.17
N SER A 817 0.37 23.34 -1.01
CA SER A 817 -0.22 23.04 0.30
C SER A 817 0.34 21.71 0.84
N TYR A 818 0.42 21.56 2.15
CA TYR A 818 1.07 20.42 2.73
C TYR A 818 0.27 19.16 2.39
N SER A 819 -1.05 19.25 2.43
CA SER A 819 -1.91 18.14 2.05
C SER A 819 -1.63 17.60 0.66
N GLU A 820 -1.43 18.50 -0.29
CA GLU A 820 -1.05 18.14 -1.65
C GLU A 820 0.30 17.42 -1.70
N ILE A 821 1.26 17.88 -0.90
CA ILE A 821 2.58 17.27 -0.84
C ILE A 821 2.46 15.86 -0.22
N LEU A 822 1.64 15.71 0.81
CA LEU A 822 1.37 14.39 1.39
C LEU A 822 0.85 13.40 0.36
N THR A 823 -0.14 13.84 -0.45
CA THR A 823 -0.66 13.08 -1.57
C THR A 823 0.46 12.71 -2.58
N LEU A 824 1.25 13.68 -2.96
CA LEU A 824 2.41 13.42 -3.81
C LEU A 824 3.40 12.36 -3.22
N LYS A 825 3.63 12.43 -1.90
CA LYS A 825 4.56 11.52 -1.21
C LYS A 825 4.00 10.06 -1.17
N THR A 826 2.68 9.91 -1.24
CA THR A 826 2.06 8.58 -1.27
C THR A 826 1.86 8.05 -2.68
N TYR A 827 2.03 8.91 -3.69
CA TYR A 827 1.90 8.46 -5.09
C TYR A 827 2.86 7.30 -5.44
N LEU A 828 2.35 6.33 -6.20
CA LEU A 828 3.21 5.26 -6.71
C LEU A 828 3.07 5.21 -8.23
N HIS A 829 4.18 5.30 -8.95
CA HIS A 829 4.15 5.13 -10.41
C HIS A 829 4.17 3.61 -10.72
N THR A 830 3.08 3.06 -11.25
CA THR A 830 3.00 1.59 -11.33
C THR A 830 3.44 0.95 -12.63
N TYR A 831 3.50 1.73 -13.71
CA TYR A 831 3.88 1.22 -15.06
C TYR A 831 2.92 0.20 -15.67
N GLU A 832 1.72 0.07 -15.12
CA GLU A 832 0.67 -0.70 -15.77
C GLU A 832 0.12 0.19 -16.89
N SER A 833 -0.57 -0.39 -17.87
CA SER A 833 -1.34 0.46 -18.80
C SER A 833 -2.72 0.83 -18.21
N GLU A 834 -3.58 1.44 -19.03
CA GLU A 834 -4.87 1.97 -18.54
C GLU A 834 -5.94 0.89 -18.44
C1 NAG B . 3.30 0.52 10.10
C2 NAG B . 4.80 0.71 10.20
C3 NAG B . 5.28 -0.03 11.45
C4 NAG B . 4.47 0.30 12.72
C5 NAG B . 2.96 0.38 12.47
C6 NAG B . 2.23 0.98 13.69
C7 NAG B . 6.23 1.06 8.24
C8 NAG B . 6.96 0.50 7.05
N2 NAG B . 5.51 0.22 9.02
O3 NAG B . 6.66 0.21 11.70
O4 NAG B . 4.62 -0.80 13.60
O5 NAG B . 2.70 1.10 11.28
O6 NAG B . 2.72 2.31 13.89
O7 NAG B . 6.31 2.27 8.44
C1 NAG B . 5.08 -0.39 14.89
C2 NAG B . 4.69 -1.49 15.88
C3 NAG B . 5.27 -1.22 17.28
C4 NAG B . 6.76 -0.87 17.22
C5 NAG B . 7.04 0.19 16.14
C6 NAG B . 8.55 0.37 15.95
C7 NAG B . 2.53 -2.50 15.28
C8 NAG B . 1.03 -2.52 15.49
N2 NAG B . 3.23 -1.61 15.99
O3 NAG B . 5.02 -2.37 18.06
O4 NAG B . 7.24 -0.41 18.47
O5 NAG B . 6.48 -0.21 14.88
O6 NAG B . 9.11 -0.87 15.57
O7 NAG B . 3.06 -3.26 14.46
C1 BMA B . 7.72 -1.51 19.29
C2 BMA B . 8.98 -1.10 20.04
C3 BMA B . 9.44 -2.15 21.08
C4 BMA B . 8.26 -2.56 21.97
C5 BMA B . 7.04 -2.95 21.12
C6 BMA B . 5.81 -3.21 21.96
O2 BMA B . 8.69 0.15 20.64
O3 BMA B . 10.48 -1.64 21.92
O4 BMA B . 8.61 -3.64 22.80
O5 BMA B . 6.71 -1.92 20.20
O6 BMA B . 5.06 -4.10 21.15
C1 MAN B . 3.71 -4.28 21.60
C2 MAN B . 3.10 -5.43 20.77
C3 MAN B . 2.56 -4.95 19.42
C4 MAN B . 1.58 -3.79 19.68
C5 MAN B . 2.36 -2.65 20.34
C6 MAN B . 1.53 -1.38 20.51
O2 MAN B . 2.08 -6.07 21.52
O3 MAN B . 1.93 -5.99 18.70
O4 MAN B . 0.91 -3.38 18.50
O5 MAN B . 2.90 -3.10 21.59
O6 MAN B . 0.45 -1.59 21.40
C1 MAN B . 2.84 -6.68 17.82
C2 MAN B . 2.24 -6.77 16.41
C3 MAN B . 0.91 -7.53 16.54
C4 MAN B . 1.13 -8.93 17.13
C5 MAN B . 2.20 -9.02 18.25
C6 MAN B . 2.90 -10.36 18.10
O2 MAN B . 3.10 -7.49 15.52
O3 MAN B . 0.27 -7.67 15.29
O4 MAN B . -0.10 -9.44 17.58
O5 MAN B . 3.21 -7.99 18.26
O6 MAN B . 3.81 -10.52 19.16
C1 MAN B . 3.96 -6.67 14.70
C2 MAN B . 4.64 -7.59 13.68
C3 MAN B . 5.84 -8.31 14.31
C4 MAN B . 6.81 -7.34 15.01
C5 MAN B . 6.05 -6.44 16.01
C6 MAN B . 6.98 -5.39 16.62
O2 MAN B . 5.09 -6.88 12.54
O3 MAN B . 6.49 -9.02 13.29
O4 MAN B . 7.84 -8.04 15.67
O5 MAN B . 4.89 -5.84 15.42
O6 MAN B . 6.42 -4.87 17.82
C1 MAN B . 11.80 -2.25 21.79
C2 MAN B . 12.46 -2.22 23.19
C3 MAN B . 12.74 -0.78 23.63
C4 MAN B . 13.68 -0.15 22.61
C5 MAN B . 12.93 -0.21 21.28
C6 MAN B . 13.45 0.75 20.19
O2 MAN B . 13.71 -2.87 23.11
O3 MAN B . 13.29 -0.70 24.94
O4 MAN B . 14.01 1.17 23.00
O5 MAN B . 12.68 -1.58 20.87
O6 MAN B . 12.96 2.05 20.48
C1 MAN B . 13.74 -4.00 24.00
C2 MAN B . 15.19 -4.20 24.45
C3 MAN B . 16.04 -4.82 23.31
C4 MAN B . 15.31 -5.93 22.53
C5 MAN B . 13.90 -5.46 22.15
C6 MAN B . 13.11 -6.43 21.27
O2 MAN B . 15.22 -4.97 25.64
O3 MAN B . 17.27 -5.33 23.78
O4 MAN B . 16.07 -6.23 21.38
O5 MAN B . 13.22 -5.16 23.36
O6 MAN B . 12.61 -7.51 22.03
O12 XIC C . -15.13 -11.53 13.64
C16 XIC C . -14.33 -6.07 7.98
C17 XIC C . -12.69 -12.02 15.17
C18 XIC C . -11.69 -9.73 14.41
C19 XIC C . -15.59 -5.91 7.36
C20 XIC C . -13.29 -5.10 7.81
C21 XIC C . -11.35 -12.15 15.89
C22 XIC C . -10.70 -9.76 15.61
C23 XIC C . -13.50 -3.98 7.02
C24 XIC C . -15.79 -4.77 6.56
C25 XIC C . -11.07 -10.84 16.62
C26 XIC C . -14.74 -3.81 6.40
S1 XIC C . -14.28 -10.38 13.57
C2 XIC C . -13.69 -10.37 11.97
C3 XIC C . -13.04 -8.98 10.06
C4 XIC C . -12.95 -7.64 9.38
N5 XIC C . -12.86 -10.72 14.40
C6 XIC C . -13.58 -9.09 11.34
C7 XIC C . -13.26 -11.53 11.20
C8 XIC C . -12.61 -10.15 9.39
C9 XIC C . -12.74 -11.42 9.94
N10 XIC C . -14.12 -7.27 8.74
O11 XIC C . -14.80 -9.10 13.91
O13 XIC C . -11.93 -6.96 9.39
CL14 XIC C . -13.24 -13.21 11.77
CL15 XIC C . -11.83 -10.11 7.89
CL CL D . -2.47 -17.04 1.14
C ACT E . 2.62 -9.77 -12.52
O ACT E . 3.02 -8.63 -12.82
OXT ACT E . 2.15 -10.54 -13.39
CH3 ACT E . 2.70 -10.21 -11.08
ZN ZN F . -11.84 -14.89 -3.64
NA NA G . 20.47 -13.07 -14.33
CA CA H . 15.44 -1.54 9.55
NA NA I . 37.03 -4.42 -4.70
#